data_1Q4Q
#
_entry.id   1Q4Q
#
_cell.length_a   128.900
_cell.length_b   128.900
_cell.length_c   183.695
_cell.angle_alpha   90
_cell.angle_beta   90
_cell.angle_gamma   120
#
_symmetry.space_group_name_H-M   'P 65'
#
loop_
_entity.id
_entity.type
_entity.pdbx_description
1 polymer 'Apoptosis 1 inhibitor'
2 polymer 'Nedd2-like caspase CG8091-PA'
3 non-polymer 'ZINC ION'
4 water water
#
loop_
_entity_poly.entity_id
_entity_poly.type
_entity_poly.pdbx_seq_one_letter_code
_entity_poly.pdbx_strand_id
1 'polypeptide(L)'
;DVQPETCRPSAASGNYFPQYPEYAIETARLRTFEAWPRNLKQKPHQLAEAGFFYTGVGDRVRCFSCGGGLMDWNDNDEPW
EQHALWLSQCRFVKLMKGQLYIDTVAAKPVLAEEKEESTSIGGD
;
A,B,C,D,E,F,G,H,I,J
2 'polypeptide(L)' SRPPFISLNERR K,L,M,N,O,P,Q,R,S,T
#
# COMPACT_ATOMS: atom_id res chain seq x y z
N TYR A 16 -2.74 -38.40 -18.15
CA TYR A 16 -2.85 -38.58 -16.68
C TYR A 16 -1.56 -39.15 -16.08
N PHE A 17 -0.72 -38.27 -15.56
CA PHE A 17 0.55 -38.63 -14.92
C PHE A 17 0.60 -37.86 -13.61
N PRO A 18 0.10 -38.46 -12.52
CA PRO A 18 0.08 -37.82 -11.20
C PRO A 18 1.42 -37.21 -10.77
N GLN A 19 1.34 -36.07 -10.10
CA GLN A 19 2.54 -35.42 -9.61
C GLN A 19 2.96 -36.18 -8.35
N TYR A 20 1.98 -36.74 -7.64
CA TYR A 20 2.20 -37.51 -6.42
C TYR A 20 1.45 -38.83 -6.52
N PRO A 21 2.03 -39.80 -7.24
CA PRO A 21 1.39 -41.10 -7.41
C PRO A 21 1.02 -41.77 -6.07
N GLU A 22 1.80 -41.48 -5.03
CA GLU A 22 1.52 -42.09 -3.73
C GLU A 22 0.27 -41.54 -3.05
N TYR A 23 -0.35 -40.54 -3.66
CA TYR A 23 -1.56 -39.97 -3.07
C TYR A 23 -2.77 -40.11 -3.99
N ALA A 24 -2.68 -41.02 -4.97
CA ALA A 24 -3.77 -41.27 -5.91
C ALA A 24 -4.95 -42.00 -5.25
N ILE A 25 -4.67 -42.82 -4.25
CA ILE A 25 -5.74 -43.54 -3.57
C ILE A 25 -6.36 -42.57 -2.56
N GLU A 26 -7.68 -42.50 -2.51
CA GLU A 26 -8.33 -41.58 -1.60
C GLU A 26 -8.00 -41.85 -0.14
N THR A 27 -7.75 -43.11 0.20
CA THR A 27 -7.41 -43.44 1.57
C THR A 27 -6.05 -42.85 1.94
N ALA A 28 -5.14 -42.83 0.98
CA ALA A 28 -3.78 -42.30 1.19
C ALA A 28 -3.81 -40.80 1.51
N ARG A 29 -4.66 -40.07 0.80
CA ARG A 29 -4.78 -38.63 1.03
C ARG A 29 -5.42 -38.40 2.39
N LEU A 30 -6.55 -39.06 2.61
CA LEU A 30 -7.28 -38.96 3.85
C LEU A 30 -6.38 -39.23 5.05
N ARG A 31 -5.43 -40.13 4.86
CA ARG A 31 -4.49 -40.49 5.91
C ARG A 31 -3.59 -39.30 6.30
N THR A 32 -3.36 -38.38 5.37
CA THR A 32 -2.50 -37.25 5.65
C THR A 32 -3.16 -36.10 6.42
N PHE A 33 -4.44 -36.22 6.78
CA PHE A 33 -5.11 -35.13 7.48
C PHE A 33 -5.19 -35.26 8.99
N GLU A 34 -4.46 -36.21 9.56
CA GLU A 34 -4.48 -36.42 11.00
C GLU A 34 -4.45 -35.15 11.87
N ALA A 35 -3.54 -34.21 11.57
CA ALA A 35 -3.45 -32.98 12.38
C ALA A 35 -4.16 -31.77 11.79
N TRP A 36 -4.85 -31.97 10.67
CA TRP A 36 -5.58 -30.89 10.01
C TRP A 36 -6.36 -30.05 11.03
N PRO A 37 -6.20 -28.71 11.02
CA PRO A 37 -6.93 -27.88 11.98
C PRO A 37 -8.42 -28.23 12.00
N ARG A 38 -8.84 -28.85 13.10
CA ARG A 38 -10.22 -29.29 13.28
C ARG A 38 -11.27 -28.18 13.27
N ASN A 39 -10.85 -26.93 13.47
CA ASN A 39 -11.82 -25.83 13.48
C ASN A 39 -11.96 -25.08 12.15
N LEU A 40 -11.41 -25.65 11.08
CA LEU A 40 -11.50 -25.04 9.75
C LEU A 40 -12.73 -25.66 9.10
N LYS A 41 -13.50 -24.88 8.34
CA LYS A 41 -14.72 -25.39 7.70
C LYS A 41 -14.45 -26.49 6.68
N GLN A 42 -13.32 -26.41 6.00
CA GLN A 42 -13.00 -27.43 5.00
C GLN A 42 -12.57 -28.67 5.75
N LYS A 43 -13.38 -29.73 5.66
CA LYS A 43 -13.06 -30.96 6.35
C LYS A 43 -12.27 -31.95 5.51
N PRO A 44 -11.40 -32.74 6.16
CA PRO A 44 -10.53 -33.76 5.58
C PRO A 44 -11.08 -34.59 4.43
N HIS A 45 -12.22 -35.25 4.63
CA HIS A 45 -12.78 -36.08 3.55
C HIS A 45 -13.21 -35.20 2.38
N GLN A 46 -13.70 -34.01 2.71
CA GLN A 46 -14.13 -33.00 1.75
C GLN A 46 -12.94 -32.63 0.85
N LEU A 47 -11.78 -32.48 1.47
CA LEU A 47 -10.55 -32.14 0.78
C LEU A 47 -9.94 -33.30 -0.01
N ALA A 48 -9.92 -34.49 0.60
CA ALA A 48 -9.34 -35.68 -0.04
C ALA A 48 -10.12 -36.07 -1.29
N GLU A 49 -11.43 -35.78 -1.28
CA GLU A 49 -12.27 -36.08 -2.43
C GLU A 49 -11.87 -35.24 -3.62
N ALA A 50 -11.60 -33.97 -3.36
CA ALA A 50 -11.20 -33.02 -4.39
C ALA A 50 -9.73 -33.15 -4.77
N GLY A 51 -9.12 -34.28 -4.40
CA GLY A 51 -7.73 -34.55 -4.77
C GLY A 51 -6.63 -34.07 -3.84
N PHE A 52 -6.99 -33.34 -2.81
CA PHE A 52 -6.01 -32.79 -1.88
C PHE A 52 -5.49 -33.68 -0.77
N PHE A 53 -4.25 -33.41 -0.38
CA PHE A 53 -3.59 -34.09 0.73
C PHE A 53 -2.93 -32.96 1.51
N TYR A 54 -2.78 -33.16 2.81
CA TYR A 54 -2.20 -32.14 3.68
C TYR A 54 -0.68 -32.27 3.72
N THR A 55 0.01 -31.14 3.58
CA THR A 55 1.47 -31.15 3.60
C THR A 55 2.03 -31.09 5.03
N GLY A 56 1.12 -31.05 6.01
CA GLY A 56 1.55 -31.01 7.40
C GLY A 56 2.04 -29.65 7.84
N VAL A 57 1.54 -28.60 7.20
CA VAL A 57 1.91 -27.24 7.54
C VAL A 57 0.66 -26.36 7.46
N GLY A 58 0.49 -25.49 8.45
CA GLY A 58 -0.67 -24.60 8.46
C GLY A 58 -1.91 -25.26 7.88
N ASP A 59 -2.42 -24.69 6.80
CA ASP A 59 -3.60 -25.24 6.12
C ASP A 59 -3.23 -25.43 4.66
N ARG A 60 -1.96 -25.75 4.44
CA ARG A 60 -1.40 -25.97 3.13
C ARG A 60 -1.62 -27.36 2.61
N VAL A 61 -2.47 -27.45 1.59
CA VAL A 61 -2.78 -28.72 0.96
C VAL A 61 -2.30 -28.62 -0.47
N ARG A 62 -2.02 -29.77 -1.07
CA ARG A 62 -1.60 -29.82 -2.47
C ARG A 62 -2.46 -30.86 -3.16
N CYS A 63 -2.70 -30.69 -4.45
CA CYS A 63 -3.49 -31.65 -5.20
C CYS A 63 -2.55 -32.75 -5.65
N PHE A 64 -2.93 -33.99 -5.40
CA PHE A 64 -2.10 -35.13 -5.77
C PHE A 64 -1.83 -35.23 -7.27
N SER A 65 -2.79 -34.77 -8.08
CA SER A 65 -2.69 -34.86 -9.53
C SER A 65 -1.88 -33.75 -10.18
N CYS A 66 -2.36 -32.51 -10.10
CA CYS A 66 -1.65 -31.39 -10.70
C CYS A 66 -0.49 -30.91 -9.83
N GLY A 67 -0.48 -31.29 -8.56
CA GLY A 67 0.58 -30.86 -7.67
C GLY A 67 0.37 -29.47 -7.12
N GLY A 68 -0.64 -28.76 -7.64
CA GLY A 68 -0.93 -27.42 -7.18
C GLY A 68 -1.18 -27.38 -5.68
N GLY A 69 -0.94 -26.22 -5.08
CA GLY A 69 -1.13 -26.08 -3.65
C GLY A 69 -1.98 -24.88 -3.28
N LEU A 70 -2.88 -25.08 -2.32
CA LEU A 70 -3.78 -24.03 -1.87
C LEU A 70 -3.71 -23.88 -0.35
N MET A 71 -3.77 -22.63 0.11
CA MET A 71 -3.72 -22.34 1.53
C MET A 71 -4.56 -21.11 1.82
N ASP A 72 -4.61 -20.72 3.08
CA ASP A 72 -5.39 -19.56 3.52
C ASP A 72 -6.86 -19.77 3.20
N TRP A 73 -7.39 -20.92 3.58
CA TRP A 73 -8.78 -21.27 3.35
C TRP A 73 -9.71 -20.45 4.22
N ASN A 74 -10.76 -19.90 3.60
CA ASN A 74 -11.77 -19.13 4.32
C ASN A 74 -13.01 -20.00 4.49
N ASP A 75 -13.81 -19.70 5.51
CA ASP A 75 -15.00 -20.48 5.82
C ASP A 75 -15.87 -20.95 4.65
N ASN A 76 -16.15 -20.07 3.71
CA ASN A 76 -17.00 -20.45 2.57
C ASN A 76 -16.27 -21.13 1.42
N ASP A 77 -14.95 -21.23 1.51
CA ASP A 77 -14.17 -21.87 0.45
C ASP A 77 -14.37 -23.38 0.43
N GLU A 78 -14.97 -23.93 -0.62
CA GLU A 78 -15.10 -25.38 -0.67
C GLU A 78 -14.05 -25.93 -1.61
N PRO A 79 -13.43 -27.06 -1.25
CA PRO A 79 -12.38 -27.76 -1.99
C PRO A 79 -12.48 -27.85 -3.51
N TRP A 80 -13.59 -28.38 -4.04
CA TRP A 80 -13.76 -28.50 -5.49
C TRP A 80 -13.78 -27.14 -6.20
N GLU A 81 -14.52 -26.18 -5.65
CA GLU A 81 -14.60 -24.84 -6.22
C GLU A 81 -13.24 -24.19 -6.41
N GLN A 82 -12.52 -24.05 -5.30
CA GLN A 82 -11.21 -23.41 -5.31
C GLN A 82 -10.24 -24.16 -6.21
N HIS A 83 -10.43 -25.47 -6.29
CA HIS A 83 -9.59 -26.30 -7.13
C HIS A 83 -9.87 -25.94 -8.59
N ALA A 84 -11.15 -25.88 -8.93
CA ALA A 84 -11.58 -25.54 -10.29
C ALA A 84 -11.24 -24.11 -10.68
N LEU A 85 -11.32 -23.21 -9.71
CA LEU A 85 -11.04 -21.79 -9.94
C LEU A 85 -9.56 -21.45 -10.12
N TRP A 86 -8.71 -22.01 -9.28
CA TRP A 86 -7.30 -21.68 -9.36
C TRP A 86 -6.42 -22.68 -10.06
N LEU A 87 -6.87 -23.93 -10.13
CA LEU A 87 -6.08 -24.99 -10.76
C LEU A 87 -6.92 -25.63 -11.87
N SER A 88 -7.58 -24.78 -12.66
CA SER A 88 -8.48 -25.18 -13.74
C SER A 88 -7.93 -26.09 -14.85
N GLN A 89 -6.62 -26.28 -14.89
CA GLN A 89 -6.06 -27.14 -15.92
C GLN A 89 -5.78 -28.51 -15.32
N CYS A 90 -6.14 -28.69 -14.06
CA CYS A 90 -5.92 -29.98 -13.41
C CYS A 90 -6.76 -31.07 -14.09
N ARG A 91 -6.09 -32.14 -14.49
CA ARG A 91 -6.72 -33.27 -15.15
C ARG A 91 -7.72 -33.96 -14.23
N PHE A 92 -7.43 -33.96 -12.93
CA PHE A 92 -8.29 -34.61 -11.95
C PHE A 92 -9.63 -33.90 -11.88
N VAL A 93 -9.60 -32.58 -11.77
CA VAL A 93 -10.84 -31.82 -11.70
C VAL A 93 -11.62 -31.99 -13.00
N LYS A 94 -10.95 -31.81 -14.13
CA LYS A 94 -11.62 -31.97 -15.41
C LYS A 94 -12.32 -33.32 -15.47
N LEU A 95 -11.56 -34.38 -15.20
CA LEU A 95 -12.10 -35.73 -15.24
C LEU A 95 -13.25 -35.94 -14.26
N MET A 96 -13.09 -35.47 -13.03
CA MET A 96 -14.13 -35.67 -12.01
C MET A 96 -15.29 -34.69 -12.06
N LYS A 97 -14.98 -33.41 -12.19
CA LYS A 97 -15.99 -32.37 -12.18
C LYS A 97 -16.54 -31.98 -13.54
N GLY A 98 -15.75 -32.18 -14.59
CA GLY A 98 -16.20 -31.85 -15.93
C GLY A 98 -15.86 -30.44 -16.34
N GLN A 99 -15.96 -30.14 -17.63
CA GLN A 99 -15.62 -28.82 -18.11
C GLN A 99 -16.71 -27.80 -17.85
N LEU A 100 -17.96 -28.24 -17.81
CA LEU A 100 -19.04 -27.32 -17.56
C LEU A 100 -18.89 -26.74 -16.15
N TYR A 101 -18.59 -27.60 -15.19
CA TYR A 101 -18.40 -27.16 -13.81
C TYR A 101 -17.28 -26.14 -13.70
N ILE A 102 -16.16 -26.46 -14.33
CA ILE A 102 -15.01 -25.57 -14.32
C ILE A 102 -15.36 -24.24 -14.97
N ASP A 103 -16.27 -24.26 -15.94
CA ASP A 103 -16.70 -23.04 -16.62
C ASP A 103 -17.60 -22.20 -15.73
N THR A 104 -18.54 -22.85 -15.07
CA THR A 104 -19.46 -22.14 -14.18
C THR A 104 -18.70 -21.56 -13.00
N VAL A 105 -17.66 -22.26 -12.54
CA VAL A 105 -16.86 -21.78 -11.42
C VAL A 105 -16.13 -20.49 -11.80
N ALA A 106 -15.56 -20.48 -13.00
CA ALA A 106 -14.83 -19.32 -13.48
C ALA A 106 -15.76 -18.25 -14.08
N ALA A 107 -16.89 -18.66 -14.62
CA ALA A 107 -17.82 -17.72 -15.24
C ALA A 107 -18.64 -16.86 -14.30
N LYS A 108 -18.21 -16.70 -13.05
CA LYS A 108 -18.98 -15.85 -12.14
C LYS A 108 -18.26 -15.11 -11.00
N PRO A 109 -16.95 -15.33 -10.81
CA PRO A 109 -16.32 -14.59 -9.73
C PRO A 109 -16.01 -13.16 -10.20
N TYR B 16 14.93 -22.53 37.67
CA TYR B 16 13.97 -22.66 36.59
C TYR B 16 14.57 -22.36 35.22
N PHE B 17 14.44 -23.33 34.31
CA PHE B 17 14.92 -23.22 32.94
C PHE B 17 13.75 -23.54 32.03
N PRO B 18 13.50 -22.70 31.02
CA PRO B 18 12.38 -22.95 30.11
C PRO B 18 12.61 -24.22 29.28
N GLN B 19 11.53 -24.86 28.87
CA GLN B 19 11.61 -26.04 28.03
C GLN B 19 12.29 -25.68 26.70
N TYR B 20 11.98 -24.51 26.15
CA TYR B 20 12.59 -24.08 24.90
C TYR B 20 13.19 -22.70 25.07
N PRO B 21 14.47 -22.63 25.40
CA PRO B 21 15.14 -21.34 25.60
C PRO B 21 15.20 -20.50 24.32
N GLU B 22 15.32 -21.17 23.17
CA GLU B 22 15.40 -20.48 21.90
C GLU B 22 14.12 -19.74 21.54
N TYR B 23 13.06 -19.97 22.33
CA TYR B 23 11.79 -19.32 22.08
C TYR B 23 11.33 -18.48 23.26
N ALA B 24 12.30 -18.07 24.08
CA ALA B 24 12.01 -17.25 25.25
C ALA B 24 11.73 -15.79 24.82
N ILE B 25 12.24 -15.39 23.66
CA ILE B 25 12.03 -14.05 23.15
C ILE B 25 10.78 -14.03 22.28
N GLU B 26 9.90 -13.07 22.54
CA GLU B 26 8.64 -12.95 21.82
C GLU B 26 8.81 -12.89 20.31
N THR B 27 9.83 -12.18 19.84
CA THR B 27 10.10 -12.06 18.42
C THR B 27 10.34 -13.45 17.81
N ALA B 28 11.17 -14.25 18.47
CA ALA B 28 11.48 -15.60 18.01
C ALA B 28 10.21 -16.42 17.94
N ARG B 29 9.30 -16.20 18.89
CA ARG B 29 8.05 -16.94 18.88
C ARG B 29 7.19 -16.43 17.73
N LEU B 30 7.16 -15.11 17.53
CA LEU B 30 6.38 -14.53 16.43
C LEU B 30 6.78 -15.14 15.11
N ARG B 31 8.06 -15.06 14.82
CA ARG B 31 8.65 -15.59 13.60
C ARG B 31 8.22 -17.02 13.25
N THR B 32 7.88 -17.83 14.26
CA THR B 32 7.47 -19.23 14.01
C THR B 32 6.04 -19.39 13.50
N PHE B 33 5.26 -18.32 13.59
CA PHE B 33 3.86 -18.35 13.16
C PHE B 33 3.62 -17.98 11.68
N GLU B 34 4.63 -18.10 10.83
CA GLU B 34 4.44 -17.73 9.42
C GLU B 34 3.43 -18.59 8.65
N ALA B 35 3.38 -19.88 8.94
CA ALA B 35 2.45 -20.78 8.26
C ALA B 35 1.19 -21.02 9.09
N TRP B 36 1.00 -20.20 10.11
CA TRP B 36 -0.16 -20.33 10.97
C TRP B 36 -1.41 -20.01 10.15
N PRO B 37 -2.40 -20.93 10.14
CA PRO B 37 -3.66 -20.76 9.40
C PRO B 37 -4.31 -19.40 9.64
N ARG B 38 -4.33 -18.56 8.61
CA ARG B 38 -4.88 -17.21 8.72
C ARG B 38 -6.37 -17.08 9.06
N ASN B 39 -7.13 -18.17 8.98
CA ASN B 39 -8.55 -18.07 9.28
C ASN B 39 -8.82 -18.29 10.76
N LEU B 40 -7.93 -18.99 11.44
CA LEU B 40 -8.10 -19.24 12.87
C LEU B 40 -8.15 -17.89 13.57
N LYS B 41 -9.05 -17.75 14.54
CA LYS B 41 -9.21 -16.49 15.25
C LYS B 41 -8.10 -16.11 16.22
N GLN B 42 -7.28 -17.08 16.63
CA GLN B 42 -6.15 -16.78 17.51
C GLN B 42 -5.08 -16.22 16.60
N LYS B 43 -4.76 -14.95 16.75
CA LYS B 43 -3.75 -14.31 15.91
C LYS B 43 -2.34 -14.53 16.46
N PRO B 44 -1.39 -14.86 15.58
CA PRO B 44 0.01 -15.10 15.97
C PRO B 44 0.54 -14.21 17.09
N HIS B 45 0.06 -12.97 17.17
CA HIS B 45 0.54 -12.06 18.20
C HIS B 45 0.01 -12.34 19.62
N GLN B 46 -1.25 -12.73 19.76
CA GLN B 46 -1.78 -13.03 21.09
C GLN B 46 -1.10 -14.31 21.59
N LEU B 47 -0.88 -15.26 20.67
CA LEU B 47 -0.26 -16.52 20.99
C LEU B 47 1.17 -16.40 21.48
N ALA B 48 2.02 -15.70 20.70
CA ALA B 48 3.42 -15.52 21.06
C ALA B 48 3.53 -14.75 22.37
N GLU B 49 2.60 -13.83 22.56
CA GLU B 49 2.49 -13.00 23.74
C GLU B 49 2.23 -13.89 24.96
N ALA B 50 1.47 -14.97 24.74
CA ALA B 50 1.12 -15.90 25.81
C ALA B 50 2.15 -17.01 26.04
N GLY B 51 3.33 -16.86 25.47
CA GLY B 51 4.38 -17.86 25.65
C GLY B 51 4.43 -18.98 24.62
N PHE B 52 3.54 -18.94 23.63
CA PHE B 52 3.48 -19.97 22.59
C PHE B 52 4.27 -19.71 21.32
N PHE B 53 4.65 -20.79 20.66
CA PHE B 53 5.32 -20.72 19.38
C PHE B 53 4.66 -21.83 18.55
N TYR B 54 4.58 -21.63 17.25
CA TYR B 54 3.97 -22.62 16.38
C TYR B 54 4.94 -23.75 16.10
N THR B 55 4.45 -24.99 16.12
CA THR B 55 5.34 -26.12 15.85
C THR B 55 5.41 -26.37 14.33
N GLY B 56 4.54 -25.69 13.58
CA GLY B 56 4.52 -25.84 12.15
C GLY B 56 3.49 -26.84 11.64
N VAL B 57 2.76 -27.47 12.54
CA VAL B 57 1.75 -28.46 12.15
C VAL B 57 0.35 -28.15 12.67
N GLY B 58 -0.61 -28.04 11.76
CA GLY B 58 -1.98 -27.77 12.14
C GLY B 58 -2.14 -26.51 12.97
N ASP B 59 -2.81 -26.62 14.11
CA ASP B 59 -2.98 -25.47 15.01
C ASP B 59 -2.30 -25.79 16.34
N ARG B 60 -1.17 -26.50 16.24
CA ARG B 60 -0.38 -26.95 17.39
C ARG B 60 0.73 -26.01 17.85
N VAL B 61 0.57 -25.50 19.06
CA VAL B 61 1.51 -24.57 19.65
C VAL B 61 2.02 -25.14 20.96
N ARG B 62 3.24 -24.78 21.34
CA ARG B 62 3.79 -25.23 22.61
C ARG B 62 4.27 -24.01 23.36
N CYS B 63 4.25 -24.09 24.69
CA CYS B 63 4.75 -23.00 25.52
C CYS B 63 6.26 -23.22 25.68
N PHE B 64 7.04 -22.16 25.46
CA PHE B 64 8.49 -22.25 25.56
C PHE B 64 8.89 -22.61 26.99
N SER B 65 8.22 -21.99 27.95
CA SER B 65 8.47 -22.17 29.37
C SER B 65 8.12 -23.56 29.88
N CYS B 66 6.83 -23.85 30.01
CA CYS B 66 6.38 -25.15 30.51
C CYS B 66 6.46 -26.28 29.49
N GLY B 67 6.51 -25.94 28.21
CA GLY B 67 6.60 -26.97 27.19
C GLY B 67 5.29 -27.67 26.87
N GLY B 68 4.19 -27.16 27.43
CA GLY B 68 2.90 -27.75 27.17
C GLY B 68 2.43 -27.41 25.76
N GLY B 69 1.75 -28.38 25.14
CA GLY B 69 1.26 -28.18 23.78
C GLY B 69 -0.26 -28.10 23.77
N LEU B 70 -0.79 -27.20 22.94
CA LEU B 70 -2.23 -27.02 22.83
C LEU B 70 -2.64 -27.01 21.36
N MET B 71 -3.71 -27.70 21.05
CA MET B 71 -4.22 -27.79 19.69
C MET B 71 -5.74 -27.87 19.77
N ASP B 72 -6.39 -27.85 18.61
CA ASP B 72 -7.84 -27.92 18.53
C ASP B 72 -8.49 -26.65 19.06
N TRP B 73 -7.98 -25.52 18.63
CA TRP B 73 -8.50 -24.22 19.05
C TRP B 73 -9.83 -23.88 18.39
N ASN B 74 -10.76 -23.35 19.19
CA ASN B 74 -12.05 -22.91 18.69
C ASN B 74 -12.07 -21.38 18.76
N ASP B 75 -12.98 -20.76 18.02
CA ASP B 75 -13.08 -19.30 17.92
C ASP B 75 -13.05 -18.42 19.16
N ASN B 76 -13.56 -18.91 20.28
CA ASN B 76 -13.60 -18.09 21.48
C ASN B 76 -12.45 -18.32 22.43
N ASP B 77 -11.64 -19.34 22.19
CA ASP B 77 -10.52 -19.62 23.07
C ASP B 77 -9.43 -18.55 22.91
N GLU B 78 -9.07 -17.90 24.02
CA GLU B 78 -8.03 -16.90 24.02
C GLU B 78 -6.80 -17.65 24.55
N PRO B 79 -5.61 -17.35 24.01
CA PRO B 79 -4.35 -17.99 24.42
C PRO B 79 -4.03 -18.01 25.91
N TRP B 80 -3.96 -16.83 26.55
CA TRP B 80 -3.66 -16.74 27.98
C TRP B 80 -4.57 -17.57 28.87
N GLU B 81 -5.88 -17.51 28.59
CA GLU B 81 -6.83 -18.28 29.39
C GLU B 81 -6.62 -19.77 29.29
N GLN B 82 -6.65 -20.27 28.06
CA GLN B 82 -6.45 -21.70 27.84
C GLN B 82 -5.15 -22.13 28.46
N HIS B 83 -4.14 -21.27 28.39
CA HIS B 83 -2.86 -21.57 28.98
C HIS B 83 -3.00 -21.78 30.48
N ALA B 84 -3.71 -20.88 31.14
CA ALA B 84 -3.93 -20.96 32.59
C ALA B 84 -4.98 -22.01 32.94
N LEU B 85 -5.81 -22.35 31.97
CA LEU B 85 -6.88 -23.31 32.15
C LEU B 85 -6.39 -24.75 32.05
N TRP B 86 -5.46 -25.00 31.12
CA TRP B 86 -4.95 -26.37 30.93
C TRP B 86 -3.55 -26.63 31.45
N LEU B 87 -2.72 -25.60 31.51
CA LEU B 87 -1.34 -25.74 31.97
C LEU B 87 -1.13 -24.79 33.15
N SER B 88 -2.08 -24.82 34.08
CA SER B 88 -2.09 -23.95 35.26
C SER B 88 -0.85 -23.89 36.13
N GLN B 89 0.06 -24.83 35.98
CA GLN B 89 1.27 -24.82 36.80
C GLN B 89 2.39 -24.04 36.14
N CYS B 90 2.19 -23.67 34.88
CA CYS B 90 3.22 -22.95 34.16
C CYS B 90 3.79 -21.74 34.91
N ARG B 91 5.12 -21.73 35.04
CA ARG B 91 5.83 -20.65 35.70
C ARG B 91 5.70 -19.32 34.93
N PHE B 92 5.54 -19.42 33.60
CA PHE B 92 5.43 -18.24 32.76
C PHE B 92 4.08 -17.54 32.91
N VAL B 93 2.99 -18.31 32.94
CA VAL B 93 1.67 -17.72 33.11
C VAL B 93 1.61 -17.08 34.49
N LYS B 94 1.95 -17.86 35.52
CA LYS B 94 1.95 -17.38 36.89
C LYS B 94 2.74 -16.09 37.00
N LEU B 95 3.93 -16.10 36.46
CA LEU B 95 4.80 -14.93 36.50
C LEU B 95 4.20 -13.72 35.81
N MET B 96 3.72 -13.91 34.60
CA MET B 96 3.14 -12.83 33.79
C MET B 96 1.72 -12.42 34.14
N LYS B 97 0.81 -13.39 34.21
CA LYS B 97 -0.60 -13.13 34.50
C LYS B 97 -0.92 -12.98 35.97
N GLY B 98 -0.20 -13.74 36.80
CA GLY B 98 -0.42 -13.69 38.22
C GLY B 98 -1.29 -14.83 38.67
N GLN B 99 -1.33 -15.08 39.97
CA GLN B 99 -2.13 -16.18 40.52
C GLN B 99 -3.62 -15.89 40.49
N LEU B 100 -4.01 -14.65 40.79
CA LEU B 100 -5.42 -14.31 40.80
C LEU B 100 -6.09 -14.64 39.48
N TYR B 101 -5.40 -14.33 38.39
CA TYR B 101 -5.89 -14.59 37.04
C TYR B 101 -6.16 -16.10 36.86
N ILE B 102 -5.14 -16.90 37.15
CA ILE B 102 -5.26 -18.35 37.03
C ILE B 102 -6.42 -18.85 37.88
N ASP B 103 -6.64 -18.20 39.02
CA ASP B 103 -7.73 -18.58 39.91
C ASP B 103 -9.07 -18.21 39.29
N THR B 104 -9.11 -17.08 38.60
CA THR B 104 -10.36 -16.64 37.98
C THR B 104 -10.67 -17.47 36.75
N VAL B 105 -9.65 -17.98 36.09
CA VAL B 105 -9.87 -18.81 34.92
C VAL B 105 -10.43 -20.14 35.41
N ALA B 106 -9.80 -20.70 36.44
CA ALA B 106 -10.21 -21.96 37.03
C ALA B 106 -11.61 -21.92 37.61
N ALA B 107 -12.00 -20.76 38.16
CA ALA B 107 -13.32 -20.60 38.76
C ALA B 107 -14.44 -20.49 37.74
N LYS B 108 -14.10 -20.05 36.52
CA LYS B 108 -15.10 -19.87 35.46
C LYS B 108 -15.92 -21.13 35.22
N PRO B 109 -15.25 -22.29 35.10
CA PRO B 109 -15.98 -23.53 34.88
C PRO B 109 -16.75 -24.02 36.11
N VAL B 110 -16.10 -23.93 37.28
CA VAL B 110 -16.75 -24.38 38.51
C VAL B 110 -18.01 -23.60 38.91
N LEU B 111 -18.12 -22.32 38.54
CA LEU B 111 -19.32 -21.56 38.90
C LEU B 111 -20.42 -21.81 37.88
N ALA B 112 -20.06 -22.15 36.65
CA ALA B 112 -21.03 -22.45 35.61
C ALA B 112 -21.56 -23.83 35.99
N GLU B 113 -20.68 -24.61 36.61
CA GLU B 113 -20.98 -25.96 37.07
C GLU B 113 -21.97 -25.91 38.24
N GLU B 114 -21.76 -24.96 39.14
CA GLU B 114 -22.62 -24.77 40.30
C GLU B 114 -24.00 -24.34 39.84
N LYS B 115 -24.07 -23.76 38.63
CA LYS B 115 -25.31 -23.30 38.04
C LYS B 115 -26.01 -24.48 37.37
N GLU B 116 -25.22 -25.34 36.72
CA GLU B 116 -25.75 -26.52 36.05
C GLU B 116 -26.68 -26.16 34.90
N TYR C 16 -5.06 -64.10 0.09
CA TYR C 16 -5.99 -63.48 1.03
C TYR C 16 -5.50 -63.62 2.47
N PHE C 17 -4.69 -62.67 2.92
CA PHE C 17 -4.17 -62.66 4.29
C PHE C 17 -4.53 -61.35 4.98
N PRO C 18 -5.40 -61.41 6.00
CA PRO C 18 -5.83 -60.24 6.75
C PRO C 18 -4.68 -59.65 7.57
N GLN C 19 -4.82 -58.38 7.94
CA GLN C 19 -3.81 -57.69 8.74
C GLN C 19 -3.78 -58.31 10.14
N TYR C 20 -4.95 -58.71 10.63
CA TYR C 20 -5.07 -59.33 11.95
C TYR C 20 -5.85 -60.64 11.81
N PRO C 21 -5.14 -61.72 11.44
CA PRO C 21 -5.70 -63.07 11.25
C PRO C 21 -6.44 -63.58 12.47
N GLU C 22 -5.99 -63.15 13.66
CA GLU C 22 -6.59 -63.57 14.93
C GLU C 22 -8.02 -63.09 15.05
N TYR C 23 -8.39 -62.12 14.22
CA TYR C 23 -9.73 -61.57 14.26
C TYR C 23 -10.55 -61.78 13.00
N ALA C 24 -10.30 -62.88 12.30
CA ALA C 24 -11.05 -63.19 11.08
C ALA C 24 -12.47 -63.65 11.40
N ILE C 25 -12.64 -64.34 12.53
CA ILE C 25 -13.96 -64.81 12.92
C ILE C 25 -14.70 -63.72 13.67
N GLU C 26 -15.91 -63.42 13.23
CA GLU C 26 -16.74 -62.39 13.83
C GLU C 26 -16.91 -62.59 15.33
N THR C 27 -16.82 -63.86 15.77
CA THR C 27 -16.98 -64.20 17.18
C THR C 27 -15.87 -63.65 18.08
N ALA C 28 -14.63 -63.77 17.61
CA ALA C 28 -13.50 -63.26 18.37
C ALA C 28 -13.53 -61.73 18.39
N ARG C 29 -14.01 -61.15 17.29
CA ARG C 29 -14.09 -59.70 17.19
C ARG C 29 -15.09 -59.14 18.20
N LEU C 30 -16.21 -59.82 18.37
CA LEU C 30 -17.23 -59.37 19.31
C LEU C 30 -16.66 -59.26 20.71
N ARG C 31 -15.91 -60.27 21.12
CA ARG C 31 -15.32 -60.32 22.45
C ARG C 31 -14.43 -59.12 22.80
N THR C 32 -13.72 -58.57 21.82
CA THR C 32 -12.85 -57.43 22.06
C THR C 32 -13.63 -56.20 22.55
N PHE C 33 -14.95 -56.22 22.38
CA PHE C 33 -15.77 -55.08 22.77
C PHE C 33 -16.28 -55.06 24.20
N GLU C 34 -15.67 -55.86 25.06
CA GLU C 34 -16.08 -55.90 26.45
C GLU C 34 -16.12 -54.49 27.05
N ALA C 35 -15.03 -53.75 26.91
CA ALA C 35 -14.94 -52.40 27.48
C ALA C 35 -15.39 -51.28 26.55
N TRP C 36 -16.09 -51.63 25.47
CA TRP C 36 -16.58 -50.64 24.52
C TRP C 36 -17.54 -49.70 25.24
N PRO C 37 -17.35 -48.37 25.10
CA PRO C 37 -18.25 -47.41 25.77
C PRO C 37 -19.71 -47.75 25.49
N ARG C 38 -20.42 -48.24 26.50
CA ARG C 38 -21.81 -48.62 26.33
C ARG C 38 -22.78 -47.55 25.83
N ASN C 39 -22.40 -46.27 25.94
CA ASN C 39 -23.30 -45.21 25.50
C ASN C 39 -23.27 -44.91 24.01
N LEU C 40 -22.13 -45.11 23.36
CA LEU C 40 -22.02 -44.84 21.93
C LEU C 40 -23.12 -45.57 21.14
N LYS C 41 -23.58 -44.94 20.07
CA LYS C 41 -24.64 -45.49 19.22
C LYS C 41 -24.22 -46.79 18.57
N GLN C 42 -23.00 -46.84 18.03
CA GLN C 42 -22.51 -48.05 17.36
C GLN C 42 -22.44 -49.13 18.40
N LYS C 43 -22.96 -50.29 18.05
CA LYS C 43 -22.95 -51.42 18.95
C LYS C 43 -21.94 -52.47 18.51
N PRO C 44 -21.31 -53.15 19.47
CA PRO C 44 -20.30 -54.20 19.25
C PRO C 44 -20.63 -55.21 18.14
N HIS C 45 -21.87 -55.68 18.09
CA HIS C 45 -22.26 -56.64 17.08
C HIS C 45 -22.25 -56.03 15.68
N GLN C 46 -22.58 -54.74 15.58
CA GLN C 46 -22.58 -54.04 14.29
C GLN C 46 -21.15 -53.74 13.86
N LEU C 47 -20.33 -53.34 14.82
CA LEU C 47 -18.93 -53.07 14.54
C LEU C 47 -18.27 -54.38 14.13
N ALA C 48 -18.47 -55.43 14.92
CA ALA C 48 -17.89 -56.74 14.62
C ALA C 48 -18.32 -57.26 13.25
N GLU C 49 -19.56 -56.95 12.87
CA GLU C 49 -20.10 -57.37 11.57
C GLU C 49 -19.31 -56.73 10.46
N ALA C 50 -19.12 -55.40 10.57
CA ALA C 50 -18.38 -54.63 9.57
C ALA C 50 -16.88 -54.89 9.61
N GLY C 51 -16.48 -55.99 10.24
CA GLY C 51 -15.08 -56.37 10.31
C GLY C 51 -14.20 -55.75 11.37
N PHE C 52 -14.75 -54.87 12.20
CA PHE C 52 -13.96 -54.19 13.22
C PHE C 52 -13.78 -54.94 14.53
N PHE C 53 -12.64 -54.68 15.16
CA PHE C 53 -12.33 -55.21 16.48
C PHE C 53 -11.90 -53.96 17.28
N TYR C 54 -12.28 -53.90 18.55
CA TYR C 54 -11.96 -52.77 19.39
C TYR C 54 -10.51 -52.87 19.90
N THR C 55 -9.75 -51.78 19.74
CA THR C 55 -8.36 -51.77 20.17
C THR C 55 -8.22 -51.62 21.69
N GLY C 56 -9.32 -51.34 22.38
CA GLY C 56 -9.27 -51.23 23.82
C GLY C 56 -9.19 -49.82 24.39
N VAL C 57 -9.05 -48.84 23.49
CA VAL C 57 -8.95 -47.44 23.88
C VAL C 57 -10.10 -46.64 23.28
N GLY C 58 -10.55 -45.62 24.00
CA GLY C 58 -11.61 -44.77 23.51
C GLY C 58 -12.63 -45.46 22.64
N ASP C 59 -12.86 -44.93 21.44
CA ASP C 59 -13.81 -45.52 20.52
C ASP C 59 -13.05 -45.92 19.25
N ARG C 60 -11.81 -46.34 19.46
CA ARG C 60 -10.93 -46.72 18.37
C ARG C 60 -11.03 -48.20 18.03
N VAL C 61 -11.33 -48.46 16.76
CA VAL C 61 -11.46 -49.81 16.26
C VAL C 61 -10.54 -49.97 15.05
N ARG C 62 -10.26 -51.22 14.69
CA ARG C 62 -9.45 -51.51 13.49
C ARG C 62 -10.10 -52.68 12.76
N CYS C 63 -9.90 -52.72 11.45
CA CYS C 63 -10.44 -53.81 10.64
C CYS C 63 -9.43 -54.93 10.64
N PHE C 64 -9.87 -56.15 10.88
CA PHE C 64 -8.97 -57.31 10.91
C PHE C 64 -8.38 -57.61 9.54
N SER C 65 -9.08 -57.19 8.49
CA SER C 65 -8.65 -57.45 7.12
C SER C 65 -7.70 -56.37 6.59
N CYS C 66 -8.20 -55.17 6.39
CA CYS C 66 -7.36 -54.10 5.90
C CYS C 66 -6.48 -53.51 7.00
N GLY C 67 -6.90 -53.63 8.26
CA GLY C 67 -6.11 -53.09 9.36
C GLY C 67 -6.33 -51.59 9.57
N GLY C 68 -7.29 -51.03 8.84
CA GLY C 68 -7.58 -49.60 8.96
C GLY C 68 -8.19 -49.22 10.30
N GLY C 69 -7.77 -48.07 10.81
CA GLY C 69 -8.26 -47.59 12.09
C GLY C 69 -9.21 -46.42 11.95
N LEU C 70 -10.27 -46.44 12.74
CA LEU C 70 -11.28 -45.39 12.73
C LEU C 70 -11.65 -45.02 14.17
N MET C 71 -11.77 -43.72 14.44
CA MET C 71 -12.14 -43.26 15.78
C MET C 71 -12.98 -42.02 15.64
N ASP C 72 -13.39 -41.45 16.77
CA ASP C 72 -14.21 -40.25 16.77
C ASP C 72 -15.56 -40.51 16.09
N TRP C 73 -16.19 -41.60 16.52
CA TRP C 73 -17.48 -42.00 15.99
C TRP C 73 -18.60 -41.12 16.53
N ASN C 74 -19.40 -40.56 15.62
CA ASN C 74 -20.52 -39.72 16.01
C ASN C 74 -21.82 -40.50 15.93
N ASP C 75 -22.87 -39.94 16.53
CA ASP C 75 -24.18 -40.58 16.60
C ASP C 75 -24.72 -41.22 15.32
N ASN C 76 -24.45 -40.62 14.17
CA ASN C 76 -24.93 -41.18 12.91
C ASN C 76 -23.82 -41.82 12.08
N ASP C 77 -23.01 -42.65 12.74
CA ASP C 77 -21.94 -43.35 12.06
C ASP C 77 -22.18 -44.84 12.08
N GLU C 78 -22.57 -45.36 10.93
CA GLU C 78 -22.86 -46.76 10.72
C GLU C 78 -21.57 -47.45 10.29
N PRO C 79 -21.17 -48.52 10.99
CA PRO C 79 -19.93 -49.26 10.68
C PRO C 79 -19.65 -49.54 9.20
N TRP C 80 -20.55 -50.23 8.51
CA TRP C 80 -20.33 -50.54 7.10
C TRP C 80 -20.05 -49.30 6.23
N GLU C 81 -20.94 -48.30 6.32
CA GLU C 81 -20.82 -47.06 5.56
C GLU C 81 -19.50 -46.34 5.79
N GLN C 82 -19.09 -46.23 7.05
CA GLN C 82 -17.83 -45.57 7.37
C GLN C 82 -16.66 -46.39 6.85
N HIS C 83 -16.83 -47.70 6.85
CA HIS C 83 -15.80 -48.61 6.39
C HIS C 83 -15.61 -48.47 4.88
N ALA C 84 -16.73 -48.44 4.16
CA ALA C 84 -16.73 -48.32 2.70
C ALA C 84 -16.27 -46.92 2.28
N LEU C 85 -16.61 -45.95 3.11
CA LEU C 85 -16.30 -44.55 2.87
C LEU C 85 -14.84 -44.14 3.02
N TRP C 86 -14.20 -44.58 4.10
CA TRP C 86 -12.81 -44.18 4.39
C TRP C 86 -11.73 -45.21 4.06
N LEU C 87 -12.11 -46.48 4.06
CA LEU C 87 -11.18 -47.57 3.76
C LEU C 87 -11.81 -48.36 2.63
N SER C 88 -12.12 -47.65 1.54
CA SER C 88 -12.81 -48.28 0.41
C SER C 88 -12.10 -49.39 -0.38
N GLN C 89 -10.79 -49.51 -0.24
CA GLN C 89 -10.07 -50.55 -0.97
C GLN C 89 -10.03 -51.87 -0.18
N CYS C 90 -10.68 -51.90 0.98
CA CYS C 90 -10.69 -53.11 1.81
C CYS C 90 -11.30 -54.30 1.08
N ARG C 91 -10.62 -55.44 1.16
CA ARG C 91 -11.08 -56.67 0.52
C ARG C 91 -12.31 -57.22 1.25
N PHE C 92 -12.34 -57.06 2.58
CA PHE C 92 -13.46 -57.55 3.39
C PHE C 92 -14.76 -56.82 3.12
N VAL C 93 -14.69 -55.52 2.87
CA VAL C 93 -15.90 -54.77 2.59
C VAL C 93 -16.31 -55.15 1.17
N LYS C 94 -15.34 -55.20 0.27
CA LYS C 94 -15.59 -55.56 -1.12
C LYS C 94 -16.17 -56.97 -1.24
N LEU C 95 -15.77 -57.86 -0.34
CA LEU C 95 -16.26 -59.24 -0.35
C LEU C 95 -17.68 -59.36 0.21
N MET C 96 -17.87 -58.84 1.42
CA MET C 96 -19.16 -58.92 2.11
C MET C 96 -20.22 -57.99 1.55
N LYS C 97 -19.84 -56.74 1.33
CA LYS C 97 -20.77 -55.72 0.84
C LYS C 97 -20.89 -55.53 -0.65
N GLY C 98 -19.89 -55.98 -1.41
CA GLY C 98 -19.93 -55.85 -2.85
C GLY C 98 -19.50 -54.49 -3.35
N GLN C 99 -19.15 -54.40 -4.62
CA GLN C 99 -18.70 -53.16 -5.22
C GLN C 99 -19.78 -52.09 -5.39
N LEU C 100 -21.01 -52.49 -5.69
CA LEU C 100 -22.10 -51.53 -5.87
C LEU C 100 -22.31 -50.71 -4.61
N TYR C 101 -22.31 -51.41 -3.47
CA TYR C 101 -22.50 -50.76 -2.18
C TYR C 101 -21.41 -49.72 -1.94
N ILE C 102 -20.16 -50.13 -2.14
CA ILE C 102 -19.02 -49.26 -1.94
C ILE C 102 -19.04 -48.10 -2.93
N ASP C 103 -19.50 -48.35 -4.15
CA ASP C 103 -19.58 -47.32 -5.18
C ASP C 103 -20.75 -46.39 -4.93
N THR C 104 -21.84 -46.95 -4.43
CA THR C 104 -23.05 -46.20 -4.16
C THR C 104 -22.88 -45.30 -2.93
N VAL C 105 -22.08 -45.77 -1.98
CA VAL C 105 -21.80 -45.01 -0.76
C VAL C 105 -21.06 -43.73 -1.13
N ALA C 106 -20.13 -43.87 -2.06
CA ALA C 106 -19.31 -42.75 -2.52
C ALA C 106 -20.04 -41.85 -3.52
N ALA C 107 -20.91 -42.46 -4.34
CA ALA C 107 -21.62 -41.75 -5.39
C ALA C 107 -22.95 -41.08 -5.07
N LYS C 108 -23.08 -40.51 -3.89
CA LYS C 108 -24.29 -39.79 -3.49
C LYS C 108 -24.26 -39.59 -1.99
N PRO C 109 -24.39 -38.33 -1.51
CA PRO C 109 -24.58 -37.04 -2.19
C PRO C 109 -24.71 -37.05 -3.71
N TYR D 16 -4.98 -38.77 54.82
CA TYR D 16 -5.20 -37.92 53.64
C TYR D 16 -4.14 -38.23 52.58
N PHE D 17 -4.13 -39.46 52.10
CA PHE D 17 -3.17 -39.90 51.10
C PHE D 17 -3.89 -40.29 49.80
N PRO D 18 -3.42 -39.76 48.66
CA PRO D 18 -4.04 -40.07 47.36
C PRO D 18 -3.76 -41.50 46.91
N GLN D 19 -4.79 -42.12 46.32
CA GLN D 19 -4.67 -43.47 45.80
C GLN D 19 -3.63 -43.40 44.69
N TYR D 20 -3.71 -42.36 43.88
CA TYR D 20 -2.77 -42.18 42.79
C TYR D 20 -2.12 -40.81 42.89
N PRO D 21 -1.05 -40.72 43.71
CA PRO D 21 -0.33 -39.47 43.90
C PRO D 21 0.20 -38.91 42.58
N GLU D 22 0.31 -39.77 41.57
CA GLU D 22 0.79 -39.36 40.26
C GLU D 22 -0.24 -38.53 39.51
N TYR D 23 -1.47 -38.51 40.01
CA TYR D 23 -2.55 -37.73 39.37
C TYR D 23 -3.23 -36.74 40.31
N ALA D 24 -2.60 -36.51 41.47
CA ALA D 24 -3.13 -35.58 42.45
C ALA D 24 -3.26 -34.18 41.84
N ILE D 25 -2.40 -33.88 40.86
CA ILE D 25 -2.45 -32.59 40.20
C ILE D 25 -3.43 -32.68 39.04
N GLU D 26 -4.27 -31.67 38.90
CA GLU D 26 -5.27 -31.65 37.84
C GLU D 26 -4.65 -31.73 36.47
N THR D 27 -3.51 -31.07 36.33
CA THR D 27 -2.80 -31.04 35.05
C THR D 27 -2.42 -32.46 34.61
N ALA D 28 -1.99 -33.27 35.57
CA ALA D 28 -1.60 -34.65 35.30
C ALA D 28 -2.82 -35.51 34.95
N ARG D 29 -3.99 -35.12 35.41
CA ARG D 29 -5.20 -35.88 35.11
C ARG D 29 -5.74 -35.52 33.72
N LEU D 30 -5.61 -34.26 33.33
CA LEU D 30 -6.07 -33.82 32.02
C LEU D 30 -5.33 -34.55 30.91
N ARG D 31 -4.02 -34.71 31.07
CA ARG D 31 -3.18 -35.38 30.06
C ARG D 31 -3.63 -36.81 29.73
N THR D 32 -4.18 -37.51 30.72
CA THR D 32 -4.63 -38.89 30.52
C THR D 32 -5.82 -39.06 29.56
N PHE D 33 -6.51 -37.97 29.25
CA PHE D 33 -7.70 -38.04 28.40
C PHE D 33 -7.48 -37.89 26.90
N GLU D 34 -6.24 -37.96 26.44
CA GLU D 34 -5.96 -37.81 25.02
C GLU D 34 -6.91 -38.63 24.12
N ALA D 35 -7.15 -39.89 24.47
CA ALA D 35 -8.00 -40.77 23.70
C ALA D 35 -9.44 -40.88 24.17
N TRP D 36 -9.81 -40.15 25.23
CA TRP D 36 -11.19 -40.20 25.74
C TRP D 36 -12.15 -40.02 24.56
N PRO D 37 -13.19 -40.87 24.46
CA PRO D 37 -14.15 -40.73 23.34
C PRO D 37 -14.74 -39.32 23.28
N ARG D 38 -14.51 -38.64 22.15
CA ARG D 38 -15.02 -37.27 22.01
C ARG D 38 -16.51 -37.08 21.76
N ASN D 39 -17.27 -38.17 21.66
CA ASN D 39 -18.70 -38.07 21.43
C ASN D 39 -19.49 -38.19 22.75
N LEU D 40 -18.78 -38.50 23.83
CA LEU D 40 -19.41 -38.61 25.16
C LEU D 40 -19.69 -37.20 25.68
N LYS D 41 -20.71 -37.06 26.51
CA LYS D 41 -21.08 -35.76 27.08
C LYS D 41 -20.01 -35.19 28.00
N GLN D 42 -19.51 -36.02 28.91
CA GLN D 42 -18.49 -35.61 29.86
C GLN D 42 -17.20 -35.25 29.13
N LYS D 43 -16.73 -34.02 29.32
CA LYS D 43 -15.50 -33.59 28.66
C LYS D 43 -14.34 -33.70 29.62
N PRO D 44 -13.18 -34.13 29.10
CA PRO D 44 -11.95 -34.31 29.86
C PRO D 44 -11.70 -33.33 31.01
N HIS D 45 -11.82 -32.02 30.75
CA HIS D 45 -11.57 -31.04 31.80
C HIS D 45 -12.50 -31.14 33.01
N GLN D 46 -13.78 -31.49 32.77
CA GLN D 46 -14.74 -31.61 33.86
C GLN D 46 -14.48 -32.87 34.67
N LEU D 47 -14.04 -33.92 34.01
CA LEU D 47 -13.75 -35.18 34.68
C LEU D 47 -12.47 -35.05 35.51
N ALA D 48 -11.49 -34.32 34.99
CA ALA D 48 -10.23 -34.09 35.68
C ALA D 48 -10.45 -33.22 36.93
N GLU D 49 -11.35 -32.25 36.82
CA GLU D 49 -11.69 -31.36 37.94
C GLU D 49 -12.34 -32.17 39.06
N ALA D 50 -13.13 -33.16 38.68
CA ALA D 50 -13.82 -34.02 39.64
C ALA D 50 -12.91 -35.09 40.24
N GLY D 51 -11.60 -34.95 39.99
CA GLY D 51 -10.64 -35.89 40.53
C GLY D 51 -10.34 -37.16 39.73
N PHE D 52 -11.03 -37.33 38.60
CA PHE D 52 -10.86 -38.51 37.77
C PHE D 52 -9.80 -38.45 36.70
N PHE D 53 -9.13 -39.58 36.48
CA PHE D 53 -8.16 -39.67 35.41
C PHE D 53 -8.65 -40.84 34.55
N TYR D 54 -8.36 -40.80 33.26
CA TYR D 54 -8.79 -41.83 32.32
C TYR D 54 -7.81 -43.01 32.27
N THR D 55 -8.29 -44.18 32.69
CA THR D 55 -7.47 -45.39 32.74
C THR D 55 -7.06 -45.95 31.38
N GLY D 56 -7.49 -45.30 30.30
CA GLY D 56 -7.13 -45.76 28.97
C GLY D 56 -7.95 -46.92 28.44
N VAL D 57 -9.02 -47.28 29.14
CA VAL D 57 -9.88 -48.38 28.72
C VAL D 57 -11.33 -47.91 28.60
N GLY D 58 -11.90 -48.01 27.40
CA GLY D 58 -13.28 -47.61 27.17
C GLY D 58 -13.62 -46.22 27.67
N ASP D 59 -14.56 -46.14 28.60
CA ASP D 59 -14.98 -44.86 29.19
C ASP D 59 -14.87 -45.01 30.72
N ARG D 60 -13.80 -45.66 31.14
CA ARG D 60 -13.54 -45.93 32.54
C ARG D 60 -12.50 -45.00 33.13
N VAL D 61 -12.94 -44.25 34.13
CA VAL D 61 -12.08 -43.31 34.82
C VAL D 61 -12.01 -43.73 36.28
N ARG D 62 -11.05 -43.18 37.01
CA ARG D 62 -10.88 -43.46 38.43
C ARG D 62 -10.53 -42.18 39.15
N CYS D 63 -10.89 -42.12 40.42
CA CYS D 63 -10.57 -40.94 41.22
C CYS D 63 -9.15 -41.09 41.76
N PHE D 64 -8.33 -40.08 41.55
CA PHE D 64 -6.96 -40.11 42.02
C PHE D 64 -6.94 -40.18 43.56
N SER D 65 -7.98 -39.68 44.19
CA SER D 65 -8.07 -39.67 45.64
C SER D 65 -8.63 -40.93 46.28
N CYS D 66 -9.89 -41.23 46.00
CA CYS D 66 -10.50 -42.43 46.57
C CYS D 66 -10.21 -43.69 45.74
N GLY D 67 -9.78 -43.50 44.49
CA GLY D 67 -9.47 -44.64 43.66
C GLY D 67 -10.69 -45.30 43.01
N GLY D 68 -11.88 -44.79 43.32
CA GLY D 68 -13.09 -45.34 42.74
C GLY D 68 -13.14 -45.16 41.23
N GLY D 69 -13.79 -46.09 40.55
CA GLY D 69 -13.88 -46.01 39.10
C GLY D 69 -15.33 -45.94 38.64
N LEU D 70 -15.60 -45.12 37.64
CA LEU D 70 -16.94 -45.00 37.12
C LEU D 70 -16.91 -45.26 35.62
N MET D 71 -17.99 -45.83 35.10
CA MET D 71 -18.08 -46.16 33.70
C MET D 71 -19.54 -46.25 33.26
N ASP D 72 -19.75 -46.47 31.97
CA ASP D 72 -21.08 -46.56 31.40
C ASP D 72 -21.78 -45.22 31.59
N TRP D 73 -21.10 -44.16 31.21
CA TRP D 73 -21.61 -42.79 31.32
C TRP D 73 -22.77 -42.48 30.38
N ASN D 74 -23.88 -42.03 30.95
CA ASN D 74 -25.08 -41.69 30.20
C ASN D 74 -25.00 -40.24 29.77
N ASP D 75 -25.77 -39.89 28.74
CA ASP D 75 -25.79 -38.53 28.22
C ASP D 75 -25.95 -37.45 29.28
N ASN D 76 -26.72 -37.74 30.34
CA ASN D 76 -26.91 -36.73 31.37
C ASN D 76 -26.24 -37.01 32.72
N ASP D 77 -25.09 -37.69 32.68
CA ASP D 77 -24.32 -37.97 33.89
C ASP D 77 -23.34 -36.83 34.10
N GLU D 78 -23.38 -36.24 35.29
CA GLU D 78 -22.51 -35.14 35.66
C GLU D 78 -21.38 -35.73 36.49
N PRO D 79 -20.11 -35.47 36.13
CA PRO D 79 -18.94 -35.98 36.85
C PRO D 79 -18.96 -35.82 38.37
N TRP D 80 -19.02 -34.59 38.88
CA TRP D 80 -19.05 -34.34 40.33
C TRP D 80 -20.19 -35.06 41.05
N GLU D 81 -21.37 -35.06 40.43
CA GLU D 81 -22.54 -35.70 41.02
C GLU D 81 -22.39 -37.19 41.10
N GLN D 82 -22.07 -37.81 39.96
CA GLN D 82 -21.90 -39.26 39.89
C GLN D 82 -20.82 -39.64 40.89
N HIS D 83 -19.90 -38.72 41.12
CA HIS D 83 -18.81 -38.96 42.06
C HIS D 83 -19.36 -38.96 43.49
N ALA D 84 -20.12 -37.92 43.83
CA ALA D 84 -20.73 -37.76 45.15
C ALA D 84 -21.84 -38.79 45.40
N LEU D 85 -22.41 -39.29 44.32
CA LEU D 85 -23.48 -40.29 44.36
C LEU D 85 -22.96 -41.70 44.68
N TRP D 86 -21.96 -42.14 43.94
CA TRP D 86 -21.39 -43.47 44.12
C TRP D 86 -20.19 -43.55 45.03
N LEU D 87 -19.46 -42.44 45.14
CA LEU D 87 -18.26 -42.40 45.99
C LEU D 87 -18.38 -41.24 46.98
N SER D 88 -19.49 -41.21 47.71
CA SER D 88 -19.78 -40.15 48.67
C SER D 88 -18.82 -39.98 49.85
N GLN D 89 -18.15 -41.04 50.25
CA GLN D 89 -17.23 -40.94 51.37
C GLN D 89 -15.86 -40.44 50.92
N CYS D 90 -15.71 -40.22 49.62
CA CYS D 90 -14.46 -39.75 49.07
C CYS D 90 -14.04 -38.42 49.69
N ARG D 91 -12.82 -38.34 50.19
CA ARG D 91 -12.31 -37.11 50.80
C ARG D 91 -12.45 -35.97 49.81
N PHE D 92 -11.80 -36.13 48.67
CA PHE D 92 -11.80 -35.13 47.60
C PHE D 92 -13.19 -34.51 47.36
N VAL D 93 -14.17 -35.35 47.11
CA VAL D 93 -15.53 -34.85 46.87
C VAL D 93 -15.96 -33.99 48.05
N LYS D 94 -15.73 -34.49 49.25
CA LYS D 94 -16.13 -33.78 50.47
C LYS D 94 -15.44 -32.43 50.59
N LEU D 95 -14.13 -32.43 50.37
CA LEU D 95 -13.32 -31.21 50.45
C LEU D 95 -13.74 -30.17 49.43
N MET D 96 -14.01 -30.62 48.21
CA MET D 96 -14.37 -29.75 47.10
C MET D 96 -15.81 -29.27 47.03
N LYS D 97 -16.75 -30.20 47.16
CA LYS D 97 -18.16 -29.86 47.05
C LYS D 97 -18.88 -29.62 48.37
N GLY D 98 -18.35 -30.16 49.46
CA GLY D 98 -18.97 -29.95 50.76
C GLY D 98 -20.04 -30.97 51.10
N GLN D 99 -20.34 -31.05 52.39
CA GLN D 99 -21.33 -31.99 52.89
C GLN D 99 -22.73 -31.76 52.31
N LEU D 100 -23.12 -30.49 52.22
CA LEU D 100 -24.44 -30.17 51.68
C LEU D 100 -24.64 -30.67 50.26
N TYR D 101 -23.56 -30.78 49.49
CA TYR D 101 -23.64 -31.25 48.12
C TYR D 101 -23.85 -32.76 48.07
N ILE D 102 -23.08 -33.48 48.89
CA ILE D 102 -23.19 -34.92 48.94
C ILE D 102 -24.59 -35.31 49.41
N ASP D 103 -25.12 -34.53 50.35
CA ASP D 103 -26.46 -34.75 50.90
C ASP D 103 -27.54 -34.49 49.85
N THR D 104 -27.43 -33.37 49.17
CA THR D 104 -28.39 -33.01 48.13
C THR D 104 -28.43 -34.16 47.13
N VAL D 105 -27.31 -34.37 46.45
CA VAL D 105 -27.16 -35.42 45.47
C VAL D 105 -27.75 -36.75 45.96
N ALA D 106 -27.29 -37.22 47.12
CA ALA D 106 -27.75 -38.48 47.67
C ALA D 106 -29.25 -38.54 48.01
N ALA D 107 -29.84 -37.41 48.37
CA ALA D 107 -31.24 -37.37 48.74
C ALA D 107 -32.21 -37.48 47.57
N LYS D 108 -31.67 -37.68 46.37
CA LYS D 108 -32.51 -37.80 45.18
C LYS D 108 -33.03 -39.21 44.96
N PRO D 109 -34.13 -39.34 44.22
CA PRO D 109 -34.78 -40.62 43.90
C PRO D 109 -34.11 -41.33 42.73
N TYR E 16 -1.69 -11.01 -32.34
CA TYR E 16 -1.44 -11.28 -30.93
C TYR E 16 0.00 -11.70 -30.73
N PHE E 17 0.63 -11.15 -29.69
CA PHE E 17 2.03 -11.44 -29.40
C PHE E 17 2.41 -10.83 -28.04
N PRO E 18 2.17 -11.56 -26.94
CA PRO E 18 2.47 -11.12 -25.58
C PRO E 18 3.83 -10.45 -25.39
N GLN E 19 3.90 -9.52 -24.43
CA GLN E 19 5.13 -8.79 -24.12
C GLN E 19 5.99 -9.62 -23.16
N TYR E 20 5.32 -10.49 -22.40
CA TYR E 20 5.95 -11.40 -21.44
C TYR E 20 5.21 -12.74 -21.56
N PRO E 21 5.47 -13.47 -22.66
CA PRO E 21 4.87 -14.78 -22.98
C PRO E 21 4.81 -15.78 -21.82
N GLU E 22 5.66 -15.58 -20.82
CA GLU E 22 5.69 -16.46 -19.66
C GLU E 22 4.59 -16.10 -18.68
N TYR E 23 3.68 -15.24 -19.12
CA TYR E 23 2.58 -14.80 -18.27
C TYR E 23 1.21 -15.09 -18.86
N ALA E 24 1.18 -15.66 -20.06
CA ALA E 24 -0.08 -16.02 -20.71
C ALA E 24 -0.93 -16.69 -19.65
N ILE E 25 -0.26 -17.17 -18.60
CA ILE E 25 -0.91 -17.84 -17.48
C ILE E 25 -0.93 -16.88 -16.28
N GLU E 26 -2.13 -16.53 -15.84
CA GLU E 26 -2.32 -15.64 -14.71
C GLU E 26 -1.74 -16.30 -13.47
N THR E 27 -1.97 -17.60 -13.34
CA THR E 27 -1.48 -18.36 -12.20
C THR E 27 0.00 -18.04 -12.00
N ALA E 28 0.72 -17.87 -13.10
CA ALA E 28 2.14 -17.56 -13.06
C ALA E 28 2.41 -16.09 -12.72
N ARG E 29 1.41 -15.24 -12.89
CA ARG E 29 1.53 -13.82 -12.55
C ARG E 29 1.22 -13.66 -11.06
N LEU E 30 0.34 -14.53 -10.55
CA LEU E 30 -0.06 -14.53 -9.14
C LEU E 30 1.20 -14.70 -8.31
N ARG E 31 1.97 -15.71 -8.69
CA ARG E 31 3.21 -16.07 -8.03
C ARG E 31 4.20 -14.92 -7.79
N THR E 32 4.04 -13.79 -8.48
CA THR E 32 4.97 -12.68 -8.31
C THR E 32 4.66 -11.68 -7.21
N PHE E 33 3.46 -11.73 -6.62
CA PHE E 33 3.12 -10.78 -5.56
C PHE E 33 3.34 -11.31 -4.14
N GLU E 34 4.58 -11.20 -3.66
CA GLU E 34 4.91 -11.64 -2.32
C GLU E 34 5.44 -10.44 -1.55
N ALA E 35 6.38 -9.73 -2.19
CA ALA E 35 6.96 -8.53 -1.61
C ALA E 35 5.91 -7.44 -1.73
N TRP E 36 4.85 -7.76 -2.46
CA TRP E 36 3.76 -6.82 -2.67
C TRP E 36 3.12 -6.46 -1.35
N PRO E 37 3.40 -5.24 -0.84
CA PRO E 37 2.82 -4.82 0.42
C PRO E 37 1.35 -5.24 0.47
N ARG E 38 1.05 -6.20 1.35
CA ARG E 38 -0.30 -6.69 1.49
C ARG E 38 -1.22 -5.59 2.00
N ASN E 39 -0.64 -4.56 2.61
CA ASN E 39 -1.42 -3.46 3.15
C ASN E 39 -2.23 -2.68 2.09
N LEU E 40 -1.66 -2.54 0.90
CA LEU E 40 -2.32 -1.83 -0.21
C LEU E 40 -3.66 -2.45 -0.58
N LYS E 41 -4.64 -1.59 -0.85
CA LYS E 41 -6.00 -2.01 -1.21
C LYS E 41 -6.03 -2.95 -2.41
N GLN E 42 -5.07 -2.81 -3.31
CA GLN E 42 -5.00 -3.65 -4.50
C GLN E 42 -4.39 -5.01 -4.17
N LYS E 43 -5.24 -6.02 -4.16
CA LYS E 43 -4.87 -7.40 -3.86
C LYS E 43 -4.11 -8.04 -5.03
N PRO E 44 -3.15 -8.94 -4.72
CA PRO E 44 -2.39 -9.61 -5.76
C PRO E 44 -3.26 -10.41 -6.74
N HIS E 45 -4.41 -10.89 -6.27
CA HIS E 45 -5.33 -11.64 -7.13
C HIS E 45 -5.89 -10.76 -8.25
N GLN E 46 -6.26 -9.53 -7.90
CA GLN E 46 -6.81 -8.55 -8.83
C GLN E 46 -5.76 -8.09 -9.83
N LEU E 47 -4.71 -7.45 -9.30
CA LEU E 47 -3.62 -6.94 -10.10
C LEU E 47 -3.19 -7.97 -11.14
N ALA E 48 -2.73 -9.13 -10.65
CA ALA E 48 -2.27 -10.24 -11.49
C ALA E 48 -3.31 -10.63 -12.54
N GLU E 49 -4.58 -10.62 -12.14
CA GLU E 49 -5.68 -10.97 -13.02
C GLU E 49 -5.84 -9.91 -14.09
N ALA E 50 -5.63 -8.66 -13.70
CA ALA E 50 -5.73 -7.54 -14.64
C ALA E 50 -4.53 -7.57 -15.60
N GLY E 51 -3.77 -8.66 -15.56
CA GLY E 51 -2.64 -8.82 -16.44
C GLY E 51 -1.32 -8.28 -15.89
N PHE E 52 -1.30 -7.96 -14.62
CA PHE E 52 -0.09 -7.43 -14.00
C PHE E 52 0.75 -8.51 -13.34
N PHE E 53 1.85 -8.05 -12.76
CA PHE E 53 2.78 -8.89 -12.03
C PHE E 53 3.66 -7.87 -11.32
N TYR E 54 3.97 -8.15 -10.07
CA TYR E 54 4.77 -7.22 -9.29
C TYR E 54 6.24 -7.24 -9.71
N THR E 55 6.79 -6.05 -9.93
CA THR E 55 8.20 -5.95 -10.35
C THR E 55 9.14 -6.06 -9.15
N GLY E 56 8.56 -6.15 -7.96
CA GLY E 56 9.36 -6.30 -6.76
C GLY E 56 9.70 -5.06 -5.95
N VAL E 57 9.47 -3.87 -6.50
CA VAL E 57 9.78 -2.63 -5.80
C VAL E 57 8.54 -1.76 -5.56
N GLY E 58 8.32 -1.36 -4.30
CA GLY E 58 7.19 -0.50 -3.97
C GLY E 58 5.79 -1.03 -4.25
N ASP E 59 5.18 -0.52 -5.31
CA ASP E 59 3.85 -0.93 -5.73
C ASP E 59 3.83 -0.98 -7.25
N ARG E 60 5.03 -1.07 -7.83
CA ARG E 60 5.23 -1.10 -9.26
C ARG E 60 4.95 -2.44 -9.91
N VAL E 61 3.89 -2.49 -10.70
CA VAL E 61 3.47 -3.69 -11.40
C VAL E 61 3.37 -3.37 -12.89
N ARG E 62 3.75 -4.34 -13.72
CA ARG E 62 3.71 -4.17 -15.17
C ARG E 62 2.64 -5.06 -15.80
N CYS E 63 2.23 -4.71 -17.02
CA CYS E 63 1.26 -5.54 -17.72
C CYS E 63 2.03 -6.62 -18.47
N PHE E 64 1.40 -7.77 -18.65
CA PHE E 64 2.03 -8.87 -19.33
C PHE E 64 1.95 -8.75 -20.85
N SER E 65 0.83 -8.26 -21.37
CA SER E 65 0.64 -8.14 -22.82
C SER E 65 0.82 -6.78 -23.46
N CYS E 66 1.53 -5.88 -22.79
CA CYS E 66 1.79 -4.54 -23.33
C CYS E 66 2.94 -3.95 -22.55
N GLY E 67 3.33 -4.65 -21.49
CA GLY E 67 4.44 -4.22 -20.66
C GLY E 67 4.32 -2.79 -20.16
N GLY E 68 3.09 -2.28 -20.09
CA GLY E 68 2.89 -0.93 -19.62
C GLY E 68 3.09 -0.89 -18.12
N GLY E 69 3.96 0.02 -17.66
CA GLY E 69 4.26 0.14 -16.24
C GLY E 69 3.32 1.04 -15.49
N LEU E 70 3.01 0.68 -14.25
CA LEU E 70 2.09 1.47 -13.41
C LEU E 70 2.50 1.45 -11.93
N MET E 71 2.81 2.63 -11.38
CA MET E 71 3.16 2.71 -9.96
C MET E 71 2.17 3.64 -9.27
N ASP E 72 2.53 4.13 -8.08
CA ASP E 72 1.66 5.03 -7.31
C ASP E 72 0.17 4.68 -7.37
N TRP E 73 -0.26 3.80 -6.45
CA TRP E 73 -1.66 3.37 -6.37
C TRP E 73 -2.37 3.92 -5.14
N ASN E 74 -3.65 4.27 -5.31
CA ASN E 74 -4.47 4.78 -4.21
C ASN E 74 -5.62 3.84 -3.92
N ASP E 75 -6.04 3.84 -2.65
CA ASP E 75 -7.14 3.01 -2.16
C ASP E 75 -8.28 2.75 -3.14
N ASN E 76 -8.56 3.73 -4.00
CA ASN E 76 -9.67 3.59 -4.95
C ASN E 76 -9.27 3.09 -6.33
N ASP E 77 -7.97 3.11 -6.64
CA ASP E 77 -7.51 2.67 -7.95
C ASP E 77 -7.74 1.19 -8.20
N GLU E 78 -8.57 0.92 -9.22
CA GLU E 78 -8.95 -0.42 -9.61
C GLU E 78 -8.09 -0.87 -10.81
N PRO E 79 -7.44 -2.04 -10.71
CA PRO E 79 -6.58 -2.61 -11.76
C PRO E 79 -7.12 -2.54 -13.19
N TRP E 80 -8.22 -3.22 -13.47
CA TRP E 80 -8.81 -3.20 -14.81
C TRP E 80 -9.03 -1.75 -15.22
N GLU E 81 -9.59 -0.98 -14.30
CA GLU E 81 -9.87 0.42 -14.53
C GLU E 81 -8.64 1.16 -15.02
N GLN E 82 -7.66 1.28 -14.13
CA GLN E 82 -6.43 1.98 -14.45
C GLN E 82 -5.77 1.39 -15.69
N HIS E 83 -5.95 0.10 -15.91
CA HIS E 83 -5.34 -0.57 -17.04
C HIS E 83 -6.02 -0.20 -18.37
N ALA E 84 -7.04 0.66 -18.31
CA ALA E 84 -7.76 1.12 -19.50
C ALA E 84 -7.61 2.64 -19.66
N LEU E 85 -7.34 3.32 -18.55
CA LEU E 85 -7.16 4.77 -18.51
C LEU E 85 -5.84 5.28 -19.04
N TRP E 86 -4.77 4.53 -18.77
CA TRP E 86 -3.43 4.95 -19.18
C TRP E 86 -2.80 4.04 -20.23
N LEU E 87 -3.31 2.82 -20.33
CA LEU E 87 -2.80 1.86 -21.30
C LEU E 87 -3.97 1.47 -22.19
N SER E 88 -4.60 2.49 -22.79
CA SER E 88 -5.76 2.33 -23.65
C SER E 88 -5.60 1.35 -24.82
N GLN E 89 -4.36 1.23 -25.30
CA GLN E 89 -4.02 0.38 -26.44
C GLN E 89 -3.61 -1.06 -26.15
N CYS E 90 -3.86 -1.56 -24.95
CA CYS E 90 -3.45 -2.94 -24.65
C CYS E 90 -4.31 -3.99 -25.34
N ARG E 91 -3.66 -4.79 -26.19
CA ARG E 91 -4.34 -5.86 -26.90
C ARG E 91 -4.90 -6.85 -25.90
N PHE E 92 -4.40 -6.79 -24.66
CA PHE E 92 -4.85 -7.69 -23.60
C PHE E 92 -6.20 -7.24 -23.05
N VAL E 93 -6.24 -6.02 -22.56
CA VAL E 93 -7.47 -5.46 -21.99
C VAL E 93 -8.59 -5.38 -23.04
N LYS E 94 -8.22 -4.93 -24.24
CA LYS E 94 -9.16 -4.78 -25.33
C LYS E 94 -9.74 -6.10 -25.82
N LEU E 95 -9.19 -7.21 -25.32
CA LEU E 95 -9.67 -8.51 -25.73
C LEU E 95 -10.47 -9.21 -24.65
N MET E 96 -10.15 -8.90 -23.40
CA MET E 96 -10.84 -9.51 -22.27
C MET E 96 -12.13 -8.77 -21.92
N LYS E 97 -11.99 -7.48 -21.62
CA LYS E 97 -13.12 -6.64 -21.24
C LYS E 97 -13.82 -5.89 -22.37
N GLY E 98 -13.24 -5.93 -23.57
CA GLY E 98 -13.85 -5.27 -24.72
C GLY E 98 -13.61 -3.78 -24.89
N GLN E 99 -13.93 -3.27 -26.07
CA GLN E 99 -13.73 -1.86 -26.36
C GLN E 99 -14.76 -1.00 -25.64
N LEU E 100 -16.01 -1.47 -25.63
CA LEU E 100 -17.09 -0.74 -24.97
C LEU E 100 -16.64 -0.37 -23.55
N TYR E 101 -16.08 -1.33 -22.83
CA TYR E 101 -15.60 -1.14 -21.46
C TYR E 101 -14.53 -0.05 -21.44
N ILE E 102 -13.61 -0.11 -22.41
CA ILE E 102 -12.54 0.87 -22.50
C ILE E 102 -13.09 2.28 -22.78
N ASP E 103 -14.22 2.33 -23.50
CA ASP E 103 -14.88 3.59 -23.85
C ASP E 103 -15.42 4.32 -22.64
N THR E 104 -16.30 3.62 -21.94
CA THR E 104 -16.93 4.16 -20.76
C THR E 104 -15.89 4.57 -19.74
N VAL E 105 -14.75 3.87 -19.73
CA VAL E 105 -13.66 4.19 -18.81
C VAL E 105 -13.17 5.59 -19.15
N ALA E 106 -12.93 5.82 -20.44
CA ALA E 106 -12.46 7.10 -20.93
C ALA E 106 -13.54 8.16 -20.95
N ALA E 107 -14.75 7.77 -21.35
CA ALA E 107 -15.89 8.69 -21.43
C ALA E 107 -16.40 9.07 -20.06
N LYS E 108 -15.50 9.50 -19.19
CA LYS E 108 -15.83 9.88 -17.82
C LYS E 108 -14.58 10.51 -17.20
N PRO E 109 -14.23 11.77 -17.58
CA PRO E 109 -14.65 12.85 -18.47
C PRO E 109 -16.09 13.31 -18.71
N VAL E 110 -17.10 12.52 -18.34
CA VAL E 110 -18.47 13.00 -18.54
C VAL E 110 -18.56 14.13 -17.52
N LEU E 111 -17.59 14.12 -16.60
CA LEU E 111 -17.47 15.09 -15.53
C LEU E 111 -16.74 16.36 -15.95
N ALA E 112 -15.90 16.24 -16.98
CA ALA E 112 -15.15 17.39 -17.48
C ALA E 112 -16.08 18.37 -18.21
N GLU E 113 -17.14 17.85 -18.82
CA GLU E 113 -18.08 18.73 -19.49
C GLU E 113 -19.17 19.24 -18.55
N GLU E 114 -19.08 18.82 -17.29
CA GLU E 114 -20.02 19.26 -16.26
C GLU E 114 -19.37 20.41 -15.49
N LYS E 115 -18.06 20.31 -15.31
CA LYS E 115 -17.29 21.33 -14.60
C LYS E 115 -17.30 22.59 -15.45
N GLU E 116 -16.93 22.42 -16.73
CA GLU E 116 -16.91 23.51 -17.68
C GLU E 116 -15.70 24.43 -17.51
N TYR F 16 37.00 19.96 1.81
CA TYR F 16 35.85 20.51 1.09
C TYR F 16 36.15 20.56 -0.41
N PHE F 17 35.10 20.79 -1.19
CA PHE F 17 35.14 20.90 -2.64
C PHE F 17 33.72 20.78 -3.16
N PRO F 18 33.17 21.87 -3.73
CA PRO F 18 31.82 21.93 -4.28
C PRO F 18 31.52 20.88 -5.33
N GLN F 19 30.46 20.10 -5.10
CA GLN F 19 30.02 19.07 -6.03
C GLN F 19 29.93 19.67 -7.44
N TYR F 20 29.38 20.88 -7.53
CA TYR F 20 29.26 21.59 -8.80
C TYR F 20 29.93 22.96 -8.67
N PRO F 21 31.26 23.02 -8.87
CA PRO F 21 32.05 24.24 -8.79
C PRO F 21 31.52 25.36 -9.68
N GLU F 22 30.93 24.97 -10.80
CA GLU F 22 30.37 25.91 -11.76
C GLU F 22 29.26 26.78 -11.16
N TYR F 23 28.53 26.24 -10.19
CA TYR F 23 27.45 26.98 -9.56
C TYR F 23 27.75 27.54 -8.17
N ALA F 24 29.05 27.65 -7.86
CA ALA F 24 29.48 28.17 -6.58
C ALA F 24 29.05 29.62 -6.40
N ILE F 25 28.87 30.33 -7.51
CA ILE F 25 28.44 31.72 -7.42
C ILE F 25 26.93 31.84 -7.58
N GLU F 26 26.31 32.63 -6.72
CA GLU F 26 24.86 32.82 -6.72
C GLU F 26 24.26 33.24 -8.06
N THR F 27 24.80 34.31 -8.66
CA THR F 27 24.29 34.79 -9.93
C THR F 27 24.19 33.64 -10.94
N ALA F 28 25.22 32.80 -10.98
CA ALA F 28 25.22 31.66 -11.88
C ALA F 28 24.03 30.74 -11.58
N ARG F 29 23.81 30.49 -10.28
CA ARG F 29 22.72 29.63 -9.86
C ARG F 29 21.38 30.23 -10.27
N LEU F 30 21.22 31.54 -10.08
CA LEU F 30 19.99 32.24 -10.42
C LEU F 30 19.57 32.07 -11.87
N ARG F 31 20.53 32.21 -12.78
CA ARG F 31 20.24 32.10 -14.20
C ARG F 31 19.72 30.75 -14.63
N THR F 32 19.98 29.72 -13.85
CA THR F 32 19.52 28.38 -14.19
C THR F 32 18.01 28.23 -14.03
N PHE F 33 17.41 29.08 -13.20
CA PHE F 33 15.98 29.03 -12.95
C PHE F 33 15.20 29.75 -14.04
N GLU F 34 15.79 29.83 -15.22
CA GLU F 34 15.13 30.49 -16.33
C GLU F 34 13.75 29.87 -16.59
N ALA F 35 13.69 28.55 -16.67
CA ALA F 35 12.41 27.88 -16.94
C ALA F 35 11.68 27.32 -15.71
N TRP F 36 12.07 27.79 -14.53
CA TRP F 36 11.46 27.36 -13.27
C TRP F 36 9.97 27.75 -13.26
N PRO F 37 9.06 26.80 -12.96
CA PRO F 37 7.62 27.08 -12.93
C PRO F 37 7.29 28.31 -12.09
N ARG F 38 6.46 29.20 -12.63
CA ARG F 38 6.11 30.42 -11.92
C ARG F 38 5.08 30.26 -10.80
N ASN F 39 4.19 29.30 -10.93
CA ASN F 39 3.18 29.09 -9.91
C ASN F 39 3.78 28.59 -8.61
N LEU F 40 4.89 27.87 -8.70
CA LEU F 40 5.58 27.35 -7.52
C LEU F 40 5.91 28.43 -6.49
N LYS F 41 5.69 28.12 -5.21
CA LYS F 41 5.95 29.08 -4.15
C LYS F 41 7.41 29.39 -3.94
N GLN F 42 8.29 28.42 -4.16
CA GLN F 42 9.72 28.68 -3.98
C GLN F 42 10.20 29.53 -5.15
N LYS F 43 10.81 30.66 -4.83
CA LYS F 43 11.31 31.57 -5.86
C LYS F 43 12.75 31.23 -6.19
N PRO F 44 13.18 31.50 -7.43
CA PRO F 44 14.55 31.22 -7.84
C PRO F 44 15.61 31.84 -6.93
N HIS F 45 15.39 33.09 -6.51
CA HIS F 45 16.38 33.72 -5.65
C HIS F 45 16.46 33.05 -4.29
N GLN F 46 15.33 32.59 -3.74
CA GLN F 46 15.31 31.90 -2.45
C GLN F 46 16.04 30.57 -2.62
N LEU F 47 15.67 29.83 -3.66
CA LEU F 47 16.29 28.54 -3.95
C LEU F 47 17.79 28.66 -4.17
N ALA F 48 18.21 29.65 -4.96
CA ALA F 48 19.63 29.85 -5.25
C ALA F 48 20.43 30.32 -4.03
N GLU F 49 19.79 31.11 -3.17
CA GLU F 49 20.45 31.57 -1.96
C GLU F 49 20.75 30.41 -1.04
N ALA F 50 19.90 29.39 -1.09
CA ALA F 50 20.08 28.21 -0.26
C ALA F 50 21.04 27.22 -0.91
N GLY F 51 21.69 27.64 -2.00
CA GLY F 51 22.68 26.81 -2.67
C GLY F 51 22.19 25.91 -3.79
N PHE F 52 20.94 26.09 -4.20
CA PHE F 52 20.37 25.26 -5.27
C PHE F 52 20.40 25.90 -6.65
N PHE F 53 20.57 25.07 -7.67
CA PHE F 53 20.51 25.53 -9.03
C PHE F 53 19.48 24.61 -9.68
N TYR F 54 18.79 25.12 -10.69
CA TYR F 54 17.76 24.34 -11.36
C TYR F 54 18.41 23.37 -12.34
N THR F 55 17.96 22.11 -12.33
CA THR F 55 18.51 21.11 -13.23
C THR F 55 17.83 21.15 -14.60
N GLY F 56 16.75 21.91 -14.70
CA GLY F 56 16.03 22.04 -15.96
C GLY F 56 14.72 21.27 -16.03
N VAL F 57 14.65 20.16 -15.29
CA VAL F 57 13.47 19.30 -15.27
C VAL F 57 12.56 19.49 -14.06
N GLY F 58 11.25 19.59 -14.32
CA GLY F 58 10.26 19.75 -13.26
C GLY F 58 10.61 20.75 -12.18
N ASP F 59 10.38 20.38 -10.92
CA ASP F 59 10.72 21.28 -9.80
C ASP F 59 11.97 20.75 -9.12
N ARG F 60 12.86 20.17 -9.93
CA ARG F 60 14.11 19.56 -9.49
C ARG F 60 15.32 20.48 -9.46
N VAL F 61 15.91 20.60 -8.27
CA VAL F 61 17.09 21.43 -8.06
C VAL F 61 18.21 20.62 -7.39
N ARG F 62 19.44 21.09 -7.51
CA ARG F 62 20.57 20.42 -6.85
C ARG F 62 21.44 21.44 -6.13
N CYS F 63 21.96 21.04 -4.99
CA CYS F 63 22.84 21.92 -4.23
C CYS F 63 24.19 21.87 -4.91
N PHE F 64 24.75 23.04 -5.20
CA PHE F 64 26.04 23.12 -5.86
C PHE F 64 27.14 22.51 -4.99
N SER F 65 26.91 22.49 -3.68
CA SER F 65 27.90 21.96 -2.74
C SER F 65 27.77 20.46 -2.47
N CYS F 66 26.72 20.05 -1.79
CA CYS F 66 26.53 18.65 -1.48
C CYS F 66 25.97 17.85 -2.65
N GLY F 67 25.67 18.52 -3.76
CA GLY F 67 25.13 17.84 -4.93
C GLY F 67 23.86 17.04 -4.65
N GLY F 68 23.23 17.29 -3.51
CA GLY F 68 22.01 16.57 -3.16
C GLY F 68 20.82 17.18 -3.89
N GLY F 69 19.96 16.33 -4.42
CA GLY F 69 18.81 16.83 -5.16
C GLY F 69 17.49 16.73 -4.43
N LEU F 70 16.66 17.77 -4.58
CA LEU F 70 15.35 17.80 -3.96
C LEU F 70 14.26 18.07 -5.01
N MET F 71 13.08 17.47 -4.80
CA MET F 71 11.96 17.65 -5.71
C MET F 71 10.62 17.45 -5.03
N ASP F 72 9.55 17.71 -5.76
CA ASP F 72 8.18 17.58 -5.26
C ASP F 72 7.90 18.53 -4.11
N TRP F 73 8.21 19.80 -4.35
CA TRP F 73 8.00 20.86 -3.37
C TRP F 73 6.53 21.26 -3.27
N ASN F 74 6.04 21.48 -2.05
CA ASN F 74 4.67 21.93 -1.86
C ASN F 74 4.70 23.39 -1.39
N ASP F 75 3.54 24.00 -1.24
CA ASP F 75 3.42 25.40 -0.85
C ASP F 75 4.22 25.91 0.34
N ASN F 76 4.31 25.12 1.40
CA ASN F 76 5.03 25.56 2.60
C ASN F 76 6.47 25.09 2.78
N ASP F 77 7.08 24.56 1.73
CA ASP F 77 8.47 24.09 1.84
C ASP F 77 9.46 25.26 1.72
N GLU F 78 10.33 25.43 2.70
CA GLU F 78 11.33 26.49 2.72
C GLU F 78 12.64 25.90 2.19
N PRO F 79 13.23 26.52 1.15
CA PRO F 79 14.48 26.00 0.60
C PRO F 79 15.54 25.68 1.66
N TRP F 80 15.89 26.67 2.50
CA TRP F 80 16.89 26.47 3.56
C TRP F 80 16.50 25.38 4.54
N GLU F 81 15.22 25.33 4.92
CA GLU F 81 14.77 24.34 5.85
C GLU F 81 14.84 22.92 5.31
N GLN F 82 14.40 22.73 4.07
CA GLN F 82 14.43 21.42 3.45
C GLN F 82 15.87 21.00 3.21
N HIS F 83 16.71 21.98 2.90
CA HIS F 83 18.12 21.71 2.67
C HIS F 83 18.71 21.14 3.98
N ALA F 84 18.47 21.84 5.08
CA ALA F 84 18.98 21.43 6.40
C ALA F 84 18.30 20.14 6.88
N LEU F 85 17.06 19.97 6.46
CA LEU F 85 16.24 18.83 6.84
C LEU F 85 16.64 17.50 6.18
N TRP F 86 16.69 17.48 4.86
CA TRP F 86 17.00 16.26 4.12
C TRP F 86 18.45 16.11 3.69
N LEU F 87 19.21 17.19 3.75
CA LEU F 87 20.62 17.15 3.36
C LEU F 87 21.49 17.81 4.44
N SER F 88 21.22 17.48 5.70
CA SER F 88 21.92 18.05 6.85
C SER F 88 23.46 18.02 6.93
N GLN F 89 24.09 17.02 6.34
CA GLN F 89 25.55 16.94 6.38
C GLN F 89 26.23 17.99 5.50
N CYS F 90 25.45 18.61 4.61
CA CYS F 90 25.95 19.62 3.67
C CYS F 90 26.83 20.71 4.28
N ARG F 91 27.99 20.90 3.67
CA ARG F 91 28.97 21.88 4.12
C ARG F 91 28.45 23.30 3.99
N PHE F 92 27.74 23.58 2.89
CA PHE F 92 27.20 24.92 2.63
C PHE F 92 26.12 25.32 3.64
N VAL F 93 25.21 24.40 3.95
CA VAL F 93 24.16 24.71 4.91
C VAL F 93 24.78 24.97 6.29
N LYS F 94 25.70 24.10 6.67
CA LYS F 94 26.40 24.22 7.95
C LYS F 94 27.09 25.58 8.01
N LEU F 95 27.84 25.89 6.97
CA LEU F 95 28.59 27.13 6.87
C LEU F 95 27.74 28.40 6.97
N MET F 96 26.72 28.47 6.12
CA MET F 96 25.84 29.64 6.06
C MET F 96 24.80 29.80 7.15
N LYS F 97 24.11 28.70 7.49
CA LYS F 97 23.05 28.74 8.49
C LYS F 97 23.49 28.32 9.88
N GLY F 98 24.57 27.57 9.98
CA GLY F 98 25.05 27.17 11.29
C GLY F 98 24.38 25.92 11.86
N GLN F 99 25.10 25.25 12.75
CA GLN F 99 24.64 24.02 13.37
C GLN F 99 23.35 24.15 14.16
N LEU F 100 23.25 25.19 14.99
CA LEU F 100 22.04 25.38 15.79
C LEU F 100 20.79 25.31 14.91
N TYR F 101 20.86 25.95 13.74
CA TYR F 101 19.75 25.97 12.80
C TYR F 101 19.39 24.55 12.37
N ILE F 102 20.41 23.82 11.92
CA ILE F 102 20.22 22.45 11.49
C ILE F 102 19.60 21.61 12.60
N ASP F 103 20.24 21.60 13.76
CA ASP F 103 19.77 20.81 14.90
C ASP F 103 18.35 21.13 15.35
N THR F 104 17.95 22.40 15.25
CA THR F 104 16.61 22.81 15.66
C THR F 104 15.57 22.39 14.65
N VAL F 105 15.92 22.45 13.37
CA VAL F 105 14.99 22.04 12.32
C VAL F 105 14.66 20.56 12.55
N ALA F 106 15.70 19.78 12.84
CA ALA F 106 15.54 18.35 13.08
C ALA F 106 14.73 18.10 14.35
N ALA F 107 14.91 18.97 15.35
CA ALA F 107 14.24 18.84 16.63
C ALA F 107 12.71 18.90 16.62
N LYS F 108 12.09 18.33 15.60
CA LYS F 108 10.64 18.33 15.56
C LYS F 108 10.19 16.94 16.10
N PRO F 109 9.14 16.31 15.54
CA PRO F 109 8.78 15.01 16.12
C PRO F 109 9.00 14.82 17.62
N TYR G 16 -4.42 16.58 -42.75
CA TYR G 16 -4.29 16.69 -41.31
C TYR G 16 -3.15 15.84 -40.77
N PHE G 17 -2.04 16.50 -40.46
CA PHE G 17 -0.85 15.85 -39.92
C PHE G 17 -0.50 16.51 -38.61
N PRO G 18 -0.40 15.72 -37.53
CA PRO G 18 -0.07 16.25 -36.21
C PRO G 18 1.32 16.84 -36.23
N GLN G 19 1.51 17.93 -35.49
CA GLN G 19 2.81 18.56 -35.40
C GLN G 19 3.77 17.54 -34.77
N TYR G 20 3.24 16.67 -33.92
CA TYR G 20 4.01 15.64 -33.25
C TYR G 20 3.39 14.27 -33.39
N PRO G 21 3.54 13.65 -34.57
CA PRO G 21 3.00 12.32 -34.86
C PRO G 21 3.20 11.38 -33.69
N GLU G 22 4.44 11.37 -33.20
CA GLU G 22 4.89 10.55 -32.07
C GLU G 22 4.01 10.62 -30.84
N TYR G 23 3.39 11.78 -30.61
CA TYR G 23 2.55 11.93 -29.43
C TYR G 23 1.05 11.90 -29.72
N ALA G 24 0.68 11.22 -30.80
CA ALA G 24 -0.71 11.10 -31.21
C ALA G 24 -1.53 10.22 -30.26
N ILE G 25 -0.89 9.19 -29.69
CA ILE G 25 -1.56 8.30 -28.75
C ILE G 25 -1.54 8.93 -27.36
N GLU G 26 -2.69 8.96 -26.70
CA GLU G 26 -2.76 9.57 -25.38
C GLU G 26 -1.83 8.90 -24.39
N THR G 27 -1.57 7.61 -24.55
CA THR G 27 -0.67 6.91 -23.64
C THR G 27 0.73 7.47 -23.79
N ALA G 28 1.10 7.86 -25.01
CA ALA G 28 2.42 8.43 -25.25
C ALA G 28 2.55 9.79 -24.58
N ARG G 29 1.45 10.53 -24.52
CA ARG G 29 1.48 11.84 -23.88
C ARG G 29 1.56 11.72 -22.36
N LEU G 30 0.81 10.77 -21.82
CA LEU G 30 0.79 10.51 -20.38
C LEU G 30 2.18 10.18 -19.83
N ARG G 31 2.99 9.46 -20.60
CA ARG G 31 4.33 9.10 -20.15
C ARG G 31 5.27 10.30 -19.99
N THR G 32 5.06 11.33 -20.80
CA THR G 32 5.92 12.51 -20.74
C THR G 32 5.83 13.24 -19.42
N PHE G 33 4.78 12.99 -18.64
CA PHE G 33 4.60 13.69 -17.38
C PHE G 33 5.31 13.08 -16.18
N GLU G 34 6.18 12.10 -16.44
CA GLU G 34 6.92 11.43 -15.38
C GLU G 34 7.44 12.45 -14.34
N ALA G 35 8.07 13.52 -14.81
CA ALA G 35 8.64 14.54 -13.93
C ALA G 35 7.79 15.78 -13.71
N TRP G 36 6.57 15.77 -14.22
CA TRP G 36 5.66 16.90 -14.06
C TRP G 36 5.64 17.32 -12.59
N PRO G 37 5.85 18.63 -12.31
CA PRO G 37 5.85 19.10 -10.92
C PRO G 37 4.57 18.72 -10.16
N ARG G 38 4.70 17.90 -9.12
CA ARG G 38 3.56 17.44 -8.34
C ARG G 38 2.62 18.52 -7.81
N ASN G 39 3.20 19.63 -7.36
CA ASN G 39 2.46 20.75 -6.78
C ASN G 39 1.63 21.63 -7.71
N LEU G 40 1.57 21.30 -9.00
CA LEU G 40 0.75 22.09 -9.94
C LEU G 40 -0.67 21.55 -9.93
N LYS G 41 -1.66 22.44 -10.00
CA LYS G 41 -3.07 22.01 -9.99
C LYS G 41 -3.41 21.15 -11.19
N GLN G 42 -2.87 21.51 -12.36
CA GLN G 42 -3.11 20.74 -13.58
C GLN G 42 -2.44 19.40 -13.39
N LYS G 43 -3.16 18.34 -13.75
CA LYS G 43 -2.60 17.00 -13.60
C LYS G 43 -2.37 16.31 -14.93
N PRO G 44 -1.43 15.34 -14.95
CA PRO G 44 -1.03 14.55 -16.11
C PRO G 44 -2.14 14.02 -17.02
N HIS G 45 -3.07 13.25 -16.49
CA HIS G 45 -4.14 12.73 -17.34
C HIS G 45 -5.03 13.81 -17.96
N GLN G 46 -5.28 14.90 -17.23
CA GLN G 46 -6.11 15.99 -17.74
C GLN G 46 -5.37 16.70 -18.88
N LEU G 47 -4.12 17.07 -18.62
CA LEU G 47 -3.30 17.74 -19.61
C LEU G 47 -3.18 16.89 -20.87
N ALA G 48 -2.96 15.59 -20.68
CA ALA G 48 -2.82 14.66 -21.80
C ALA G 48 -4.13 14.52 -22.58
N GLU G 49 -5.26 14.51 -21.86
CA GLU G 49 -6.58 14.42 -22.48
C GLU G 49 -6.77 15.59 -23.43
N ALA G 50 -6.33 16.77 -22.99
CA ALA G 50 -6.45 17.98 -23.77
C ALA G 50 -5.41 18.00 -24.88
N GLY G 51 -4.71 16.88 -25.08
CA GLY G 51 -3.71 16.78 -26.13
C GLY G 51 -2.31 17.25 -25.82
N PHE G 52 -2.05 17.64 -24.57
CA PHE G 52 -0.72 18.13 -24.21
C PHE G 52 0.25 17.03 -23.78
N PHE G 53 1.51 17.26 -24.08
CA PHE G 53 2.57 16.38 -23.64
C PHE G 53 3.57 17.34 -22.98
N TYR G 54 4.27 16.84 -21.97
CA TYR G 54 5.25 17.63 -21.24
C TYR G 54 6.55 17.67 -22.01
N THR G 55 7.11 18.87 -22.18
CA THR G 55 8.38 19.00 -22.91
C THR G 55 9.60 18.70 -22.05
N GLY G 56 9.39 18.48 -20.75
CA GLY G 56 10.50 18.17 -19.88
C GLY G 56 11.09 19.35 -19.11
N VAL G 57 10.70 20.57 -19.47
CA VAL G 57 11.20 21.78 -18.80
C VAL G 57 10.07 22.44 -18.00
N GLY G 58 10.44 23.21 -16.98
CA GLY G 58 9.46 23.90 -16.15
C GLY G 58 8.10 23.25 -16.19
N ASP G 59 7.06 24.03 -16.52
CA ASP G 59 5.71 23.49 -16.64
C ASP G 59 5.27 23.70 -18.11
N ARG G 60 6.24 23.60 -19.00
CA ARG G 60 6.06 23.80 -20.43
C ARG G 60 5.58 22.57 -21.19
N VAL G 61 4.35 22.65 -21.66
CA VAL G 61 3.73 21.56 -22.39
C VAL G 61 3.46 22.02 -23.83
N ARG G 62 3.16 21.07 -24.70
CA ARG G 62 2.84 21.37 -26.10
C ARG G 62 1.73 20.44 -26.54
N CYS G 63 0.89 20.90 -27.45
CA CYS G 63 -0.18 20.10 -28.00
C CYS G 63 0.45 19.26 -29.11
N PHE G 64 0.17 17.96 -29.11
CA PHE G 64 0.73 17.07 -30.12
C PHE G 64 0.23 17.37 -31.54
N SER G 65 -0.92 18.05 -31.62
CA SER G 65 -1.54 18.35 -32.90
C SER G 65 -1.17 19.71 -33.51
N CYS G 66 -1.40 20.79 -32.79
CA CYS G 66 -1.07 22.11 -33.35
C CYS G 66 0.32 22.58 -32.90
N GLY G 67 0.96 21.80 -32.03
CA GLY G 67 2.29 22.14 -31.56
C GLY G 67 2.43 23.40 -30.72
N GLY G 68 1.33 24.12 -30.51
CA GLY G 68 1.39 25.33 -29.71
C GLY G 68 1.77 25.01 -28.28
N GLY G 69 2.77 25.73 -27.76
CA GLY G 69 3.22 25.50 -26.40
C GLY G 69 2.68 26.51 -25.41
N LEU G 70 2.25 26.02 -24.23
CA LEU G 70 1.71 26.88 -23.17
C LEU G 70 2.52 26.67 -21.89
N MET G 71 2.64 27.72 -21.11
CA MET G 71 3.39 27.65 -19.85
C MET G 71 2.84 28.63 -18.84
N ASP G 72 3.53 28.74 -17.71
CA ASP G 72 3.11 29.63 -16.64
C ASP G 72 1.67 29.38 -16.31
N TRP G 73 1.37 28.15 -15.91
CA TRP G 73 0.02 27.75 -15.55
C TRP G 73 -0.28 28.17 -14.12
N ASN G 74 -1.50 28.62 -13.89
CA ASN G 74 -1.90 29.06 -12.56
C ASN G 74 -2.81 27.98 -11.98
N ASP G 75 -3.20 28.14 -10.72
CA ASP G 75 -4.06 27.17 -10.06
C ASP G 75 -5.40 27.03 -10.76
N ASN G 76 -5.94 28.16 -11.21
CA ASN G 76 -7.23 28.21 -11.87
C ASN G 76 -7.19 27.99 -13.37
N ASP G 77 -6.35 27.08 -13.84
CA ASP G 77 -6.28 26.85 -15.28
C ASP G 77 -6.63 25.44 -15.74
N GLU G 78 -7.66 25.35 -16.59
CA GLU G 78 -8.11 24.09 -17.15
C GLU G 78 -7.35 23.85 -18.47
N PRO G 79 -6.80 22.65 -18.66
CA PRO G 79 -6.07 22.30 -19.88
C PRO G 79 -6.88 22.55 -21.16
N TRP G 80 -8.12 22.06 -21.18
CA TRP G 80 -9.01 22.26 -22.34
C TRP G 80 -9.34 23.74 -22.53
N GLU G 81 -9.63 24.42 -21.44
CA GLU G 81 -9.97 25.83 -21.48
C GLU G 81 -8.84 26.73 -21.96
N GLN G 82 -7.64 26.53 -21.41
CA GLN G 82 -6.50 27.34 -21.81
C GLN G 82 -6.09 27.01 -23.24
N HIS G 83 -6.31 25.76 -23.63
CA HIS G 83 -6.00 25.29 -24.97
C HIS G 83 -6.94 25.97 -25.96
N ALA G 84 -8.22 26.00 -25.61
CA ALA G 84 -9.26 26.61 -26.43
C ALA G 84 -9.14 28.13 -26.48
N LEU G 85 -8.65 28.71 -25.39
CA LEU G 85 -8.50 30.15 -25.26
C LEU G 85 -7.37 30.73 -26.10
N TRP G 86 -6.17 30.17 -25.94
CA TRP G 86 -5.00 30.66 -26.66
C TRP G 86 -4.62 29.92 -27.93
N LEU G 87 -5.22 28.76 -28.15
CA LEU G 87 -4.91 27.97 -29.34
C LEU G 87 -6.21 27.60 -30.05
N SER G 88 -7.14 28.55 -30.09
CA SER G 88 -8.46 28.35 -30.68
C SER G 88 -8.51 27.76 -32.09
N GLN G 89 -7.42 27.84 -32.84
CA GLN G 89 -7.41 27.31 -34.20
C GLN G 89 -6.98 25.84 -34.27
N CYS G 90 -6.71 25.23 -33.11
CA CYS G 90 -6.28 23.85 -33.09
C CYS G 90 -7.33 22.85 -33.56
N ARG G 91 -6.94 21.98 -34.50
CA ARG G 91 -7.83 20.95 -35.04
C ARG G 91 -8.29 19.99 -33.93
N PHE G 92 -7.38 19.59 -33.05
CA PHE G 92 -7.69 18.67 -31.96
C PHE G 92 -8.79 19.25 -31.07
N VAL G 93 -8.71 20.54 -30.76
CA VAL G 93 -9.73 21.17 -29.92
C VAL G 93 -11.06 21.27 -30.69
N LYS G 94 -10.99 21.65 -31.96
CA LYS G 94 -12.21 21.75 -32.76
C LYS G 94 -12.87 20.38 -32.89
N LEU G 95 -12.05 19.39 -33.19
CA LEU G 95 -12.51 18.01 -33.38
C LEU G 95 -13.04 17.37 -32.11
N MET G 96 -12.35 17.58 -30.99
CA MET G 96 -12.75 16.96 -29.74
C MET G 96 -13.78 17.69 -28.88
N LYS G 97 -13.60 18.99 -28.65
CA LYS G 97 -14.55 19.72 -27.81
C LYS G 97 -15.68 20.41 -28.55
N GLY G 98 -15.51 20.57 -29.86
CA GLY G 98 -16.55 21.22 -30.66
C GLY G 98 -16.46 22.73 -30.67
N GLN G 99 -17.06 23.34 -31.69
CA GLN G 99 -17.05 24.79 -31.86
C GLN G 99 -17.80 25.55 -30.77
N LEU G 100 -18.95 25.01 -30.36
CA LEU G 100 -19.72 25.67 -29.32
C LEU G 100 -18.87 25.84 -28.06
N TYR G 101 -18.10 24.81 -27.74
CA TYR G 101 -17.24 24.87 -26.55
C TYR G 101 -16.23 25.98 -26.73
N ILE G 102 -15.60 26.00 -27.91
CA ILE G 102 -14.63 27.00 -28.24
C ILE G 102 -15.24 28.41 -28.15
N ASP G 103 -16.43 28.57 -28.71
CA ASP G 103 -17.14 29.85 -28.70
C ASP G 103 -17.42 30.33 -27.28
N THR G 104 -17.87 29.42 -26.43
CA THR G 104 -18.19 29.76 -25.06
C THR G 104 -16.94 30.19 -24.33
N VAL G 105 -15.88 29.40 -24.49
CA VAL G 105 -14.62 29.73 -23.85
C VAL G 105 -14.17 31.13 -24.24
N ALA G 106 -14.29 31.46 -25.52
CA ALA G 106 -13.90 32.78 -26.03
C ALA G 106 -14.84 33.86 -25.52
N ALA G 107 -16.13 33.54 -25.49
CA ALA G 107 -17.15 34.49 -25.06
C ALA G 107 -17.23 34.70 -23.54
N LYS G 108 -16.15 34.46 -22.82
CA LYS G 108 -16.17 34.70 -21.37
C LYS G 108 -15.49 36.02 -21.06
N PRO G 109 -14.34 36.31 -21.71
CA PRO G 109 -13.66 37.58 -21.44
C PRO G 109 -14.41 38.73 -22.12
N VAL G 110 -15.73 38.68 -22.02
CA VAL G 110 -16.61 39.71 -22.57
C VAL G 110 -17.56 40.07 -21.44
N LEU G 111 -17.49 39.27 -20.37
CA LEU G 111 -18.33 39.48 -19.20
C LEU G 111 -17.79 40.67 -18.43
N ALA G 112 -16.59 41.11 -18.80
CA ALA G 112 -15.97 42.28 -18.18
C ALA G 112 -16.48 43.45 -19.02
N GLU G 113 -16.97 43.09 -20.21
CA GLU G 113 -17.52 44.04 -21.17
C GLU G 113 -19.01 44.12 -20.89
N GLU G 114 -19.51 43.12 -20.17
CA GLU G 114 -20.90 43.03 -19.77
C GLU G 114 -21.01 43.77 -18.44
N LYS G 115 -19.87 43.86 -17.76
CA LYS G 115 -19.76 44.52 -16.45
C LYS G 115 -19.24 45.96 -16.58
N GLU G 116 -18.62 46.26 -17.72
CA GLU G 116 -18.06 47.58 -17.97
C GLU G 116 -17.02 47.94 -16.91
N TYR H 16 38.99 45.23 -15.00
CA TYR H 16 37.84 45.98 -15.51
C TYR H 16 37.85 46.02 -17.04
N PHE H 17 36.66 45.91 -17.62
CA PHE H 17 36.48 45.92 -19.07
C PHE H 17 35.00 45.76 -19.39
N PRO H 18 34.31 46.88 -19.70
CA PRO H 18 32.88 46.93 -20.03
C PRO H 18 32.47 46.06 -21.21
N GLN H 19 31.43 45.26 -21.00
CA GLN H 19 30.91 44.40 -22.06
C GLN H 19 30.41 45.32 -23.20
N TYR H 20 29.80 46.45 -22.83
CA TYR H 20 29.28 47.41 -23.80
C TYR H 20 29.88 48.80 -23.56
N PRO H 21 31.11 49.03 -24.06
CA PRO H 21 31.83 50.29 -23.92
C PRO H 21 31.10 51.51 -24.45
N GLU H 22 30.33 51.33 -25.53
CA GLU H 22 29.63 52.47 -26.11
C GLU H 22 28.54 53.03 -25.19
N TYR H 23 28.26 52.31 -24.11
CA TYR H 23 27.27 52.75 -23.15
C TYR H 23 27.89 53.05 -21.80
N ALA H 24 29.22 53.12 -21.78
CA ALA H 24 29.94 53.41 -20.56
C ALA H 24 29.59 54.82 -20.06
N ILE H 25 29.11 55.67 -20.96
CA ILE H 25 28.71 57.04 -20.61
C ILE H 25 27.26 57.02 -20.14
N GLU H 26 26.99 57.67 -19.01
CA GLU H 26 25.64 57.74 -18.45
C GLU H 26 24.61 58.22 -19.46
N THR H 27 24.81 59.44 -19.97
CA THR H 27 23.91 60.02 -20.95
C THR H 27 23.72 59.09 -22.15
N ALA H 28 24.74 58.31 -22.49
CA ALA H 28 24.61 57.38 -23.62
C ALA H 28 23.55 56.33 -23.25
N ARG H 29 23.64 55.78 -22.05
CA ARG H 29 22.68 54.77 -21.59
C ARG H 29 21.29 55.38 -21.50
N LEU H 30 21.20 56.50 -20.78
CA LEU H 30 19.94 57.21 -20.59
C LEU H 30 19.21 57.42 -21.92
N ARG H 31 19.99 57.69 -22.96
CA ARG H 31 19.48 57.93 -24.30
C ARG H 31 18.70 56.74 -24.87
N THR H 32 19.06 55.54 -24.45
CA THR H 32 18.41 54.33 -24.93
C THR H 32 17.01 54.14 -24.35
N PHE H 33 16.64 54.95 -23.38
CA PHE H 33 15.32 54.83 -22.74
C PHE H 33 14.15 55.61 -23.31
N GLU H 34 14.21 55.98 -24.59
CA GLU H 34 13.11 56.74 -25.18
C GLU H 34 11.80 55.99 -25.24
N ALA H 35 11.85 54.70 -25.53
CA ALA H 35 10.64 53.88 -25.65
C ALA H 35 10.27 53.18 -24.35
N TRP H 36 11.02 53.44 -23.29
CA TRP H 36 10.74 52.83 -22.01
C TRP H 36 9.30 53.05 -21.60
N PRO H 37 8.58 51.97 -21.23
CA PRO H 37 7.19 52.12 -20.81
C PRO H 37 7.09 53.18 -19.71
N ARG H 38 6.36 54.25 -19.97
CA ARG H 38 6.24 55.32 -19.00
C ARG H 38 5.47 54.98 -17.73
N ASN H 39 4.67 53.92 -17.74
CA ASN H 39 3.92 53.56 -16.54
C ASN H 39 4.77 52.83 -15.51
N LEU H 40 5.88 52.26 -15.96
CA LEU H 40 6.78 51.55 -15.08
C LEU H 40 7.35 52.53 -14.06
N LYS H 41 7.44 52.09 -12.81
CA LYS H 41 7.93 52.95 -11.74
C LYS H 41 9.43 53.19 -11.83
N GLN H 42 10.13 52.30 -12.54
CA GLN H 42 11.57 52.49 -12.72
C GLN H 42 11.72 53.46 -13.86
N LYS H 43 11.97 54.72 -13.54
CA LYS H 43 12.12 55.74 -14.56
C LYS H 43 13.54 55.72 -15.12
N PRO H 44 13.71 56.12 -16.38
CA PRO H 44 14.99 56.19 -17.09
C PRO H 44 16.24 56.69 -16.36
N HIS H 45 16.14 57.80 -15.62
CA HIS H 45 17.32 58.33 -14.93
C HIS H 45 17.93 57.36 -13.94
N GLN H 46 17.09 56.73 -13.11
CA GLN H 46 17.55 55.79 -12.09
C GLN H 46 18.16 54.52 -12.69
N LEU H 47 17.57 54.05 -13.79
CA LEU H 47 18.04 52.86 -14.45
C LEU H 47 19.40 53.06 -15.14
N ALA H 48 19.55 54.16 -15.86
CA ALA H 48 20.80 54.44 -16.55
C ALA H 48 21.93 54.76 -15.57
N GLU H 49 21.58 55.43 -14.47
CA GLU H 49 22.57 55.80 -13.46
C GLU H 49 23.07 54.55 -12.74
N ALA H 50 22.25 53.49 -12.72
CA ALA H 50 22.64 52.23 -12.10
C ALA H 50 23.43 51.37 -13.09
N GLY H 51 23.69 51.92 -14.28
CA GLY H 51 24.47 51.20 -15.28
C GLY H 51 23.71 50.47 -16.37
N PHE H 52 22.39 50.58 -16.36
CA PHE H 52 21.58 49.90 -17.37
C PHE H 52 21.20 50.74 -18.58
N PHE H 53 21.10 50.09 -19.73
CA PHE H 53 20.66 50.75 -20.95
C PHE H 53 19.46 49.90 -21.38
N TYR H 54 18.59 50.47 -22.20
CA TYR H 54 17.39 49.74 -22.61
C TYR H 54 17.55 48.92 -23.88
N THR H 55 17.14 47.65 -23.82
CA THR H 55 17.25 46.79 -24.99
C THR H 55 16.15 47.10 -26.03
N GLY H 56 15.20 47.94 -25.65
CA GLY H 56 14.14 48.32 -26.57
C GLY H 56 12.84 47.56 -26.43
N VAL H 57 12.93 46.30 -26.01
CA VAL H 57 11.76 45.43 -25.86
C VAL H 57 11.34 45.21 -24.41
N GLY H 58 10.04 45.30 -24.18
CA GLY H 58 9.49 45.10 -22.84
C GLY H 58 10.08 46.01 -21.79
N ASP H 59 10.55 45.42 -20.70
CA ASP H 59 11.15 46.16 -19.61
C ASP H 59 12.57 45.59 -19.42
N ARG H 60 13.12 45.08 -20.52
CA ARG H 60 14.43 44.43 -20.56
C ARG H 60 15.63 45.37 -20.64
N VAL H 61 16.39 45.45 -19.55
CA VAL H 61 17.59 46.28 -19.48
C VAL H 61 18.81 45.42 -19.22
N ARG H 62 19.96 45.84 -19.72
CA ARG H 62 21.22 45.12 -19.50
C ARG H 62 22.24 46.09 -18.90
N CYS H 63 23.09 45.60 -17.99
CA CYS H 63 24.12 46.44 -17.41
C CYS H 63 25.26 46.53 -18.42
N PHE H 64 25.71 47.74 -18.72
CA PHE H 64 26.79 47.94 -19.68
C PHE H 64 28.09 47.26 -19.23
N SER H 65 28.29 47.14 -17.92
CA SER H 65 29.50 46.54 -17.38
C SER H 65 29.44 45.03 -17.29
N CYS H 66 28.64 44.50 -16.38
CA CYS H 66 28.53 43.07 -16.21
C CYS H 66 27.65 42.38 -17.25
N GLY H 67 27.06 43.16 -18.14
CA GLY H 67 26.21 42.59 -19.18
C GLY H 67 25.00 41.80 -18.73
N GLY H 68 24.76 41.72 -17.42
CA GLY H 68 23.60 41.00 -16.94
C GLY H 68 22.32 41.75 -17.26
N GLY H 69 21.30 41.03 -17.75
CA GLY H 69 20.04 41.66 -18.08
C GLY H 69 19.00 41.41 -17.01
N LEU H 70 18.12 42.39 -16.80
CA LEU H 70 17.06 42.27 -15.80
C LEU H 70 15.73 42.67 -16.43
N MET H 71 14.66 42.00 -16.01
CA MET H 71 13.33 42.26 -16.52
C MET H 71 12.27 41.88 -15.49
N ASP H 72 11.02 42.17 -15.81
CA ASP H 72 9.90 41.89 -14.93
C ASP H 72 10.08 42.63 -13.61
N TRP H 73 10.16 43.95 -13.71
CA TRP H 73 10.32 44.81 -12.55
C TRP H 73 8.93 45.02 -11.95
N ASN H 74 8.89 45.34 -10.67
CA ASN H 74 7.64 45.62 -9.97
C ASN H 74 7.79 47.02 -9.40
N ASP H 75 6.69 47.62 -8.95
CA ASP H 75 6.70 48.97 -8.41
C ASP H 75 7.84 49.27 -7.45
N ASN H 76 7.99 48.44 -6.42
CA ASN H 76 9.01 48.61 -5.40
C ASN H 76 10.46 48.31 -5.76
N ASP H 77 10.69 47.59 -6.86
CA ASP H 77 12.06 47.26 -7.25
C ASP H 77 12.84 48.52 -7.61
N GLU H 78 14.03 48.65 -7.02
CA GLU H 78 14.91 49.79 -7.27
C GLU H 78 16.13 49.28 -8.05
N PRO H 79 16.54 50.01 -9.11
CA PRO H 79 17.69 49.64 -9.95
C PRO H 79 19.01 49.28 -9.26
N TRP H 80 19.55 50.19 -8.46
CA TRP H 80 20.81 49.90 -7.77
C TRP H 80 20.73 48.66 -6.88
N GLU H 81 19.60 48.51 -6.20
CA GLU H 81 19.37 47.38 -5.30
C GLU H 81 19.32 46.04 -5.99
N GLN H 82 18.48 45.93 -7.02
CA GLN H 82 18.33 44.69 -7.76
C GLN H 82 19.65 44.34 -8.45
N HIS H 83 20.37 45.38 -8.88
CA HIS H 83 21.64 45.19 -9.53
C HIS H 83 22.57 44.60 -8.49
N ALA H 84 22.68 45.28 -7.35
CA ALA H 84 23.53 44.88 -6.24
C ALA H 84 23.14 43.54 -5.66
N LEU H 85 21.86 43.23 -5.78
CA LEU H 85 21.29 41.99 -5.26
C LEU H 85 21.51 40.77 -6.14
N TRP H 86 20.98 40.84 -7.35
CA TRP H 86 21.03 39.73 -8.30
C TRP H 86 22.27 39.70 -9.20
N LEU H 87 23.04 40.79 -9.19
CA LEU H 87 24.23 40.88 -10.03
C LEU H 87 25.40 41.34 -9.14
N SER H 88 25.46 40.75 -7.96
CA SER H 88 26.46 41.07 -6.93
C SER H 88 27.93 41.15 -7.33
N GLN H 89 28.33 40.43 -8.37
CA GLN H 89 29.73 40.44 -8.81
C GLN H 89 30.07 41.64 -9.69
N CYS H 90 29.06 42.40 -10.12
CA CYS H 90 29.30 43.54 -11.01
C CYS H 90 30.37 44.53 -10.56
N ARG H 91 31.41 44.68 -11.38
CA ARG H 91 32.52 45.60 -11.08
C ARG H 91 32.04 47.05 -11.01
N PHE H 92 30.99 47.37 -11.76
CA PHE H 92 30.45 48.73 -11.77
C PHE H 92 29.81 49.06 -10.43
N VAL H 93 28.83 48.24 -10.03
CA VAL H 93 28.12 48.46 -8.79
C VAL H 93 29.07 48.59 -7.60
N LYS H 94 30.18 47.85 -7.64
CA LYS H 94 31.17 47.88 -6.56
C LYS H 94 31.87 49.23 -6.53
N LEU H 95 32.52 49.57 -7.63
CA LEU H 95 33.24 50.83 -7.75
C LEU H 95 32.34 52.01 -7.40
N MET H 96 31.08 51.95 -7.82
CA MET H 96 30.14 53.02 -7.59
C MET H 96 29.45 53.07 -6.24
N LYS H 97 28.90 51.95 -5.82
CA LYS H 97 28.18 51.88 -4.54
C LYS H 97 29.01 51.36 -3.38
N GLY H 98 30.08 50.63 -3.69
CA GLY H 98 30.94 50.08 -2.65
C GLY H 98 30.43 48.73 -2.16
N GLN H 99 31.33 47.90 -1.65
CA GLN H 99 30.99 46.57 -1.16
C GLN H 99 30.08 46.50 0.07
N LEU H 100 30.10 47.53 0.91
CA LEU H 100 29.25 47.51 2.10
C LEU H 100 27.79 47.59 1.71
N TYR H 101 27.52 48.32 0.64
CA TYR H 101 26.16 48.48 0.14
C TYR H 101 25.65 47.14 -0.38
N ILE H 102 26.48 46.47 -1.17
CA ILE H 102 26.15 45.18 -1.73
C ILE H 102 25.87 44.19 -0.61
N ASP H 103 26.76 44.15 0.37
CA ASP H 103 26.63 43.25 1.51
C ASP H 103 25.34 43.51 2.27
N THR H 104 25.07 44.78 2.56
CA THR H 104 23.87 45.16 3.28
C THR H 104 22.60 44.78 2.52
N VAL H 105 22.55 45.10 1.24
CA VAL H 105 21.40 44.78 0.41
C VAL H 105 21.09 43.31 0.58
N ALA H 106 22.10 42.47 0.42
CA ALA H 106 21.93 41.03 0.56
C ALA H 106 21.40 40.63 1.94
N ALA H 107 21.73 41.41 2.96
CA ALA H 107 21.28 41.11 4.32
C ALA H 107 19.89 41.68 4.63
N LYS H 108 19.08 41.88 3.60
CA LYS H 108 17.73 42.42 3.77
C LYS H 108 16.66 41.35 3.58
N PRO H 109 15.61 41.36 4.41
CA PRO H 109 14.50 40.40 4.35
C PRO H 109 13.41 40.83 3.37
N TYR I 16 -13.31 47.49 -46.30
CA TYR I 16 -12.48 47.00 -45.21
C TYR I 16 -11.19 46.36 -45.72
N PHE I 17 -10.09 46.65 -45.03
CA PHE I 17 -8.80 46.09 -45.41
C PHE I 17 -7.84 46.25 -44.24
N PRO I 18 -7.36 45.12 -43.68
CA PRO I 18 -6.42 45.16 -42.57
C PRO I 18 -5.12 45.80 -43.03
N GLN I 19 -4.52 46.62 -42.18
CA GLN I 19 -3.25 47.24 -42.50
C GLN I 19 -2.23 46.13 -42.33
N TYR I 20 -2.57 45.18 -41.47
CA TYR I 20 -1.72 44.04 -41.19
C TYR I 20 -2.46 42.71 -41.31
N PRO I 21 -2.86 42.35 -42.54
CA PRO I 21 -3.55 41.10 -42.76
C PRO I 21 -2.84 39.91 -42.12
N GLU I 22 -1.51 39.97 -42.07
CA GLU I 22 -0.72 38.90 -41.46
C GLU I 22 -1.09 38.69 -40.00
N TYR I 23 -1.61 39.75 -39.39
CA TYR I 23 -2.01 39.68 -37.98
C TYR I 23 -3.52 39.70 -37.85
N ALA I 24 -4.16 38.72 -38.50
CA ALA I 24 -5.60 38.60 -38.47
C ALA I 24 -6.06 37.58 -37.43
N ILE I 25 -5.32 36.50 -37.29
CA ILE I 25 -5.69 35.45 -36.32
C ILE I 25 -5.24 35.83 -34.92
N GLU I 26 -6.16 35.74 -33.96
CA GLU I 26 -5.87 36.11 -32.59
C GLU I 26 -4.62 35.48 -32.03
N THR I 27 -4.46 34.18 -32.22
CA THR I 27 -3.29 33.50 -31.69
C THR I 27 -2.02 34.06 -32.31
N ALA I 28 -2.14 34.63 -33.50
CA ALA I 28 -1.00 35.25 -34.19
C ALA I 28 -0.63 36.50 -33.40
N ARG I 29 -1.61 37.35 -33.16
CA ARG I 29 -1.38 38.55 -32.38
C ARG I 29 -0.86 38.16 -30.99
N LEU I 30 -1.46 37.13 -30.40
CA LEU I 30 -1.04 36.64 -29.10
C LEU I 30 0.44 36.29 -29.11
N ARG I 31 0.87 35.62 -30.17
CA ARG I 31 2.27 35.19 -30.32
C ARG I 31 3.27 36.34 -30.23
N THR I 32 2.80 37.56 -30.47
CA THR I 32 3.68 38.73 -30.43
C THR I 32 3.88 39.32 -29.04
N PHE I 33 3.07 38.90 -28.08
CA PHE I 33 3.18 39.46 -26.74
C PHE I 33 4.21 38.86 -25.83
N GLU I 34 5.21 38.21 -26.41
CA GLU I 34 6.29 37.65 -25.63
C GLU I 34 7.14 38.90 -25.37
N ALA I 35 7.56 39.09 -24.12
CA ALA I 35 8.37 40.24 -23.72
C ALA I 35 7.52 41.46 -23.37
N TRP I 36 6.21 41.33 -23.49
CA TRP I 36 5.29 42.40 -23.14
C TRP I 36 5.51 42.66 -21.64
N PRO I 37 5.84 43.90 -21.26
CA PRO I 37 6.08 44.19 -19.83
C PRO I 37 5.03 43.55 -18.91
N ARG I 38 5.49 42.77 -17.94
CA ARG I 38 4.58 42.09 -17.01
C ARG I 38 3.84 42.95 -15.98
N ASN I 39 4.45 44.04 -15.54
CA ASN I 39 3.85 44.92 -14.54
C ASN I 39 2.71 45.80 -15.09
N LEU I 40 2.60 45.90 -16.41
CA LEU I 40 1.53 46.71 -17.04
C LEU I 40 0.20 46.01 -16.77
N LYS I 41 -0.80 46.77 -16.34
CA LYS I 41 -2.11 46.20 -16.03
C LYS I 41 -2.90 45.68 -17.25
N GLN I 42 -2.48 46.04 -18.46
CA GLN I 42 -3.15 45.55 -19.67
C GLN I 42 -2.44 44.28 -20.09
N LYS I 43 -3.13 43.16 -20.01
CA LYS I 43 -2.54 41.88 -20.36
C LYS I 43 -2.67 41.56 -21.84
N PRO I 44 -1.78 40.69 -22.35
CA PRO I 44 -1.78 40.29 -23.76
C PRO I 44 -3.12 39.83 -24.33
N HIS I 45 -3.85 38.98 -23.58
CA HIS I 45 -5.10 38.51 -24.13
C HIS I 45 -6.13 39.65 -24.30
N GLN I 46 -6.27 40.55 -23.32
CA GLN I 46 -7.20 41.65 -23.47
C GLN I 46 -6.80 42.47 -24.69
N LEU I 47 -5.52 42.82 -24.77
CA LEU I 47 -4.98 43.60 -25.87
C LEU I 47 -5.19 42.92 -27.22
N ALA I 48 -4.91 41.62 -27.28
CA ALA I 48 -5.10 40.88 -28.52
C ALA I 48 -6.57 40.82 -28.90
N GLU I 49 -7.45 40.63 -27.90
CA GLU I 49 -8.89 40.57 -28.14
C GLU I 49 -9.32 41.84 -28.85
N ALA I 50 -8.75 42.95 -28.41
CA ALA I 50 -9.06 44.26 -28.96
C ALA I 50 -8.40 44.56 -30.30
N GLY I 51 -7.80 43.55 -30.92
CA GLY I 51 -7.17 43.74 -32.22
C GLY I 51 -5.72 44.17 -32.22
N PHE I 52 -5.09 44.15 -31.06
CA PHE I 52 -3.69 44.58 -30.97
C PHE I 52 -2.64 43.49 -31.04
N PHE I 53 -1.49 43.86 -31.56
CA PHE I 53 -0.35 42.97 -31.60
C PHE I 53 0.78 43.88 -31.10
N TYR I 54 1.76 43.29 -30.44
CA TYR I 54 2.87 44.06 -29.91
C TYR I 54 3.88 44.37 -31.01
N THR I 55 4.43 45.58 -30.98
CA THR I 55 5.41 45.97 -31.97
C THR I 55 6.82 45.50 -31.60
N GLY I 56 6.99 45.05 -30.37
CA GLY I 56 8.30 44.59 -29.94
C GLY I 56 9.13 45.67 -29.29
N VAL I 57 8.53 46.83 -29.06
CA VAL I 57 9.22 47.97 -28.45
C VAL I 57 8.34 48.64 -27.39
N GLY I 58 8.92 48.95 -26.23
CA GLY I 58 8.17 49.60 -25.16
C GLY I 58 6.81 48.94 -24.91
N ASP I 59 5.78 49.76 -24.73
CA ASP I 59 4.43 49.22 -24.51
C ASP I 59 3.58 49.57 -25.74
N ARG I 60 4.26 49.70 -26.88
CA ARG I 60 3.66 50.06 -28.15
C ARG I 60 3.00 48.91 -28.91
N VAL I 61 1.70 49.08 -29.17
CA VAL I 61 0.93 48.08 -29.91
C VAL I 61 0.27 48.73 -31.12
N ARG I 62 -0.16 47.91 -32.07
CA ARG I 62 -0.85 48.41 -33.25
C ARG I 62 -2.05 47.53 -33.50
N CYS I 63 -3.03 48.07 -34.22
CA CYS I 63 -4.22 47.32 -34.56
C CYS I 63 -4.04 46.77 -35.96
N PHE I 64 -4.25 45.46 -36.12
CA PHE I 64 -4.08 44.85 -37.44
C PHE I 64 -5.00 45.49 -38.48
N SER I 65 -6.20 45.89 -38.06
CA SER I 65 -7.14 46.50 -38.99
C SER I 65 -6.74 47.90 -39.44
N CYS I 66 -7.05 48.89 -38.62
CA CYS I 66 -6.74 50.27 -38.91
C CYS I 66 -5.26 50.61 -38.76
N GLY I 67 -4.44 49.60 -38.45
CA GLY I 67 -3.02 49.85 -38.28
C GLY I 67 -2.71 51.01 -37.33
N GLY I 68 -3.72 51.45 -36.56
CA GLY I 68 -3.52 52.55 -35.63
C GLY I 68 -2.65 52.10 -34.48
N GLY I 69 -1.79 53.00 -33.98
CA GLY I 69 -0.90 52.63 -32.90
C GLY I 69 -1.13 53.35 -31.58
N LEU I 70 -1.01 52.60 -30.49
CA LEU I 70 -1.19 53.18 -29.17
C LEU I 70 -0.04 52.81 -28.24
N MET I 71 0.35 53.75 -27.39
CA MET I 71 1.43 53.53 -26.45
C MET I 71 1.19 54.32 -25.18
N ASP I 72 2.11 54.19 -24.23
CA ASP I 72 2.04 54.87 -22.94
C ASP I 72 0.81 54.47 -22.15
N TRP I 73 0.61 53.15 -22.05
CA TRP I 73 -0.51 52.57 -21.34
C TRP I 73 -0.49 52.78 -19.84
N ASN I 74 -1.63 53.24 -19.31
CA ASN I 74 -1.79 53.48 -17.88
C ASN I 74 -2.52 52.30 -17.26
N ASP I 75 -3.16 52.55 -16.13
CA ASP I 75 -3.90 51.52 -15.43
C ASP I 75 -5.39 51.61 -15.75
N ASN I 76 -5.86 52.83 -15.94
CA ASN I 76 -7.25 53.10 -16.27
C ASN I 76 -7.58 52.68 -17.70
N ASP I 77 -6.54 52.57 -18.52
CA ASP I 77 -6.70 52.20 -19.92
C ASP I 77 -7.09 50.75 -20.22
N GLU I 78 -8.27 50.56 -20.81
CA GLU I 78 -8.72 49.24 -21.21
C GLU I 78 -8.60 49.29 -22.73
N PRO I 79 -7.95 48.28 -23.34
CA PRO I 79 -7.75 48.18 -24.79
C PRO I 79 -8.91 48.66 -25.66
N TRP I 80 -10.11 48.12 -25.46
CA TRP I 80 -11.26 48.51 -26.26
C TRP I 80 -11.61 50.00 -26.15
N GLU I 81 -11.59 50.54 -24.93
CA GLU I 81 -11.91 51.96 -24.74
C GLU I 81 -10.95 52.87 -25.47
N GLN I 82 -9.65 52.62 -25.29
CA GLN I 82 -8.64 53.43 -25.94
C GLN I 82 -8.69 53.21 -27.44
N HIS I 83 -9.02 51.99 -27.83
CA HIS I 83 -9.10 51.65 -29.24
C HIS I 83 -10.28 52.36 -29.89
N ALA I 84 -11.42 52.38 -29.21
CA ALA I 84 -12.61 53.03 -29.73
C ALA I 84 -12.42 54.53 -29.69
N LEU I 85 -11.73 54.99 -28.65
CA LEU I 85 -11.47 56.40 -28.48
C LEU I 85 -10.63 56.96 -29.62
N TRP I 86 -9.31 56.89 -29.46
CA TRP I 86 -8.36 57.42 -30.43
C TRP I 86 -8.41 56.89 -31.84
N LEU I 87 -9.02 55.72 -32.05
CA LEU I 87 -9.09 55.13 -33.39
C LEU I 87 -10.51 54.70 -33.75
N SER I 88 -11.47 55.58 -33.50
CA SER I 88 -12.89 55.32 -33.73
C SER I 88 -13.35 54.97 -35.16
N GLN I 89 -12.47 55.10 -36.15
CA GLN I 89 -12.83 54.79 -37.53
C GLN I 89 -12.59 53.32 -37.84
N CYS I 90 -11.75 52.68 -37.03
CA CYS I 90 -11.42 51.27 -37.23
C CYS I 90 -12.66 50.42 -37.52
N ARG I 91 -12.54 49.58 -38.55
CA ARG I 91 -13.61 48.70 -38.96
C ARG I 91 -13.77 47.57 -37.96
N PHE I 92 -12.66 47.20 -37.33
CA PHE I 92 -12.65 46.12 -36.35
C PHE I 92 -13.38 46.50 -35.07
N VAL I 93 -13.15 47.71 -34.59
CA VAL I 93 -13.82 48.15 -33.38
C VAL I 93 -15.33 48.22 -33.69
N LYS I 94 -15.65 48.90 -34.78
CA LYS I 94 -17.04 49.06 -35.19
C LYS I 94 -17.76 47.73 -35.29
N LEU I 95 -17.18 46.81 -36.06
CA LEU I 95 -17.78 45.50 -36.25
C LEU I 95 -17.92 44.73 -34.95
N MET I 96 -16.84 44.68 -34.19
CA MET I 96 -16.81 43.95 -32.94
C MET I 96 -17.53 44.54 -31.76
N LYS I 97 -17.29 45.81 -31.45
CA LYS I 97 -17.92 46.43 -30.29
C LYS I 97 -19.22 47.15 -30.61
N GLY I 98 -19.41 47.54 -31.86
CA GLY I 98 -20.63 48.22 -32.25
C GLY I 98 -20.56 49.73 -32.12
N GLN I 99 -21.57 50.41 -32.66
CA GLN I 99 -21.58 51.86 -32.62
C GLN I 99 -22.06 52.48 -31.32
N LEU I 100 -22.99 51.84 -30.63
CA LEU I 100 -23.48 52.38 -29.37
C LEU I 100 -22.31 52.54 -28.42
N TYR I 101 -21.45 51.52 -28.39
CA TYR I 101 -20.27 51.49 -27.55
C TYR I 101 -19.29 52.62 -27.92
N ILE I 102 -18.92 52.67 -29.21
CA ILE I 102 -18.01 53.69 -29.67
C ILE I 102 -18.53 55.08 -29.34
N ASP I 103 -19.83 55.29 -29.54
CA ASP I 103 -20.45 56.58 -29.23
C ASP I 103 -20.37 56.93 -27.75
N THR I 104 -20.39 55.91 -26.90
CA THR I 104 -20.30 56.10 -25.46
C THR I 104 -18.86 56.34 -25.04
N VAL I 105 -17.91 55.74 -25.77
CA VAL I 105 -16.49 55.90 -25.48
C VAL I 105 -16.09 57.26 -26.03
N ALA I 106 -17.09 58.03 -26.43
CA ALA I 106 -16.88 59.37 -26.98
C ALA I 106 -17.69 60.40 -26.19
N ALA I 107 -18.53 59.91 -25.29
CA ALA I 107 -19.36 60.78 -24.46
C ALA I 107 -18.85 60.83 -23.04
N LYS I 108 -17.81 60.04 -22.76
CA LYS I 108 -17.22 60.01 -21.43
C LYS I 108 -16.66 61.40 -21.12
N PRO I 109 -17.01 61.96 -19.96
CA PRO I 109 -16.54 63.29 -19.57
C PRO I 109 -15.03 63.33 -19.33
N TYR J 16 26.66 0.70 20.66
CA TYR J 16 26.61 1.16 19.27
C TYR J 16 27.64 0.42 18.42
N PHE J 17 27.18 -0.12 17.31
CA PHE J 17 28.01 -0.86 16.38
C PHE J 17 27.14 -1.06 15.14
N PRO J 18 27.01 0.01 14.32
CA PRO J 18 26.22 -0.02 13.09
C PRO J 18 26.31 -1.33 12.32
N GLN J 19 25.17 -1.98 12.12
CA GLN J 19 25.17 -3.20 11.36
C GLN J 19 25.35 -2.74 9.91
N TYR J 20 25.00 -1.47 9.67
CA TYR J 20 25.15 -0.83 8.35
C TYR J 20 25.69 0.59 8.55
N PRO J 21 27.02 0.76 8.48
CA PRO J 21 27.66 2.08 8.63
C PRO J 21 27.28 2.98 7.48
N GLU J 22 26.95 2.35 6.35
CA GLU J 22 26.57 3.07 5.15
C GLU J 22 25.20 3.73 5.29
N TYR J 23 24.51 3.44 6.40
CA TYR J 23 23.18 4.00 6.66
C TYR J 23 23.11 4.73 7.98
N ALA J 24 24.28 5.18 8.42
CA ALA J 24 24.43 5.93 9.67
C ALA J 24 23.94 7.36 9.49
N ILE J 25 24.23 7.94 8.32
CA ILE J 25 23.81 9.31 8.00
C ILE J 25 22.38 9.25 7.47
N GLU J 26 21.49 10.03 8.07
CA GLU J 26 20.10 10.04 7.68
C GLU J 26 19.87 10.32 6.19
N THR J 27 20.60 11.26 5.61
CA THR J 27 20.46 11.58 4.19
C THR J 27 20.57 10.28 3.37
N ALA J 28 21.54 9.45 3.75
CA ALA J 28 21.79 8.17 3.11
C ALA J 28 20.56 7.25 3.27
N ARG J 29 20.04 7.17 4.49
CA ARG J 29 18.87 6.36 4.76
C ARG J 29 17.69 6.91 3.97
N LEU J 30 17.57 8.23 3.97
CA LEU J 30 16.50 8.91 3.23
C LEU J 30 16.57 8.56 1.76
N ARG J 31 17.79 8.59 1.23
CA ARG J 31 18.07 8.30 -0.17
C ARG J 31 17.50 6.96 -0.65
N THR J 32 17.41 5.99 0.26
CA THR J 32 16.91 4.66 -0.08
C THR J 32 15.42 4.57 -0.40
N PHE J 33 14.62 5.48 0.14
CA PHE J 33 13.18 5.43 -0.09
C PHE J 33 12.72 5.96 -1.45
N GLU J 34 13.60 5.87 -2.44
CA GLU J 34 13.31 6.32 -3.80
C GLU J 34 11.96 5.77 -4.30
N ALA J 35 11.82 4.43 -4.30
CA ALA J 35 10.59 3.79 -4.77
C ALA J 35 9.62 3.39 -3.67
N TRP J 36 9.82 3.93 -2.48
CA TRP J 36 8.95 3.61 -1.34
C TRP J 36 7.47 3.85 -1.68
N PRO J 37 6.61 2.87 -1.35
CA PRO J 37 5.16 2.96 -1.62
C PRO J 37 4.53 4.22 -0.99
N ARG J 38 4.41 5.31 -1.75
CA ARG J 38 3.84 6.53 -1.18
C ARG J 38 2.39 6.42 -0.67
N ASN J 39 1.66 5.40 -1.10
CA ASN J 39 0.28 5.22 -0.64
C ASN J 39 0.27 4.75 0.82
N LEU J 40 1.44 4.37 1.33
CA LEU J 40 1.57 3.92 2.71
C LEU J 40 1.53 5.12 3.66
N LYS J 41 1.01 4.90 4.86
CA LYS J 41 0.90 5.97 5.85
C LYS J 41 2.29 6.37 6.38
N GLN J 42 3.17 5.41 6.59
CA GLN J 42 4.51 5.70 7.08
C GLN J 42 5.30 6.43 5.99
N LYS J 43 5.85 7.59 6.34
CA LYS J 43 6.65 8.39 5.40
C LYS J 43 8.14 8.11 5.54
N PRO J 44 8.89 8.19 4.43
CA PRO J 44 10.34 7.94 4.47
C PRO J 44 11.12 8.80 5.46
N HIS J 45 10.72 10.06 5.64
CA HIS J 45 11.47 10.89 6.57
C HIS J 45 11.30 10.39 8.01
N GLN J 46 10.15 9.80 8.33
CA GLN J 46 9.90 9.26 9.67
C GLN J 46 10.73 8.00 9.85
N LEU J 47 10.61 7.10 8.87
CA LEU J 47 11.33 5.83 8.90
C LEU J 47 12.82 6.12 9.03
N ALA J 48 13.31 7.02 8.19
CA ALA J 48 14.72 7.41 8.20
C ALA J 48 15.18 7.87 9.60
N GLU J 49 14.36 8.71 10.24
CA GLU J 49 14.69 9.21 11.56
C GLU J 49 14.82 8.07 12.55
N ALA J 50 13.92 7.09 12.46
CA ALA J 50 13.93 5.92 13.34
C ALA J 50 15.01 4.89 12.97
N GLY J 51 15.96 5.28 12.14
CA GLY J 51 17.05 4.40 11.76
C GLY J 51 16.84 3.42 10.61
N PHE J 52 15.68 3.50 9.96
CA PHE J 52 15.38 2.59 8.87
C PHE J 52 15.74 3.12 7.48
N PHE J 53 16.02 2.17 6.58
CA PHE J 53 16.30 2.47 5.19
C PHE J 53 15.47 1.45 4.38
N TYR J 54 15.11 1.80 3.16
CA TYR J 54 14.30 0.91 2.33
C TYR J 54 15.15 -0.04 1.50
N THR J 55 14.86 -1.32 1.65
CA THR J 55 15.59 -2.35 0.92
C THR J 55 15.03 -2.63 -0.48
N GLY J 56 14.37 -1.62 -1.05
CA GLY J 56 13.81 -1.73 -2.40
C GLY J 56 12.85 -2.87 -2.69
N VAL J 57 12.29 -3.47 -1.65
CA VAL J 57 11.36 -4.57 -1.82
C VAL J 57 10.11 -4.33 -0.97
N GLY J 58 9.01 -3.94 -1.61
CA GLY J 58 7.77 -3.70 -0.89
C GLY J 58 7.78 -2.62 0.17
N ASP J 59 7.53 -3.02 1.41
CA ASP J 59 7.54 -2.10 2.55
C ASP J 59 8.51 -2.62 3.62
N ARG J 60 9.54 -3.32 3.15
CA ARG J 60 10.57 -3.91 3.99
C ARG J 60 11.73 -2.97 4.26
N VAL J 61 11.87 -2.61 5.52
CA VAL J 61 12.93 -1.73 5.95
C VAL J 61 13.81 -2.51 6.91
N ARG J 62 15.05 -2.04 7.10
CA ARG J 62 15.96 -2.66 8.04
C ARG J 62 16.62 -1.50 8.81
N CYS J 63 16.90 -1.71 10.09
CA CYS J 63 17.54 -0.66 10.88
C CYS J 63 19.02 -0.68 10.60
N PHE J 64 19.61 0.50 10.48
CA PHE J 64 21.04 0.60 10.22
C PHE J 64 21.86 0.12 11.43
N SER J 65 21.43 0.46 12.63
CA SER J 65 22.14 0.07 13.84
C SER J 65 22.00 -1.40 14.21
N CYS J 66 20.77 -1.89 14.35
CA CYS J 66 20.60 -3.29 14.71
C CYS J 66 20.47 -4.21 13.50
N GLY J 67 19.95 -3.69 12.40
CA GLY J 67 19.79 -4.51 11.22
C GLY J 67 18.46 -5.24 11.26
N GLY J 68 17.59 -4.82 12.18
CA GLY J 68 16.29 -5.43 12.27
C GLY J 68 15.44 -5.07 11.07
N GLY J 69 14.74 -6.05 10.52
CA GLY J 69 13.90 -5.83 9.36
C GLY J 69 12.43 -5.76 9.71
N LEU J 70 11.77 -4.70 9.27
CA LEU J 70 10.34 -4.50 9.53
C LEU J 70 9.50 -4.49 8.23
N MET J 71 8.58 -5.45 8.10
CA MET J 71 7.74 -5.52 6.93
C MET J 71 6.30 -5.61 7.38
N ASP J 72 5.38 -5.45 6.44
CA ASP J 72 3.95 -5.51 6.73
C ASP J 72 3.48 -4.45 7.72
N TRP J 73 3.69 -3.19 7.36
CA TRP J 73 3.26 -2.09 8.22
C TRP J 73 1.77 -1.85 8.08
N ASN J 74 1.17 -1.39 9.18
CA ASN J 74 -0.26 -1.11 9.23
C ASN J 74 -0.48 0.40 9.33
N ASP J 75 -1.64 0.84 8.87
CA ASP J 75 -2.02 2.26 8.91
C ASP J 75 -1.63 2.87 10.25
N ASN J 76 -1.78 2.07 11.30
CA ASN J 76 -1.47 2.47 12.67
C ASN J 76 -0.11 1.95 13.14
N ASP J 77 0.90 2.07 12.29
CA ASP J 77 2.24 1.61 12.62
C ASP J 77 3.31 2.69 12.64
N GLU J 78 3.53 3.28 13.81
CA GLU J 78 4.54 4.32 13.96
C GLU J 78 5.93 3.66 14.05
N PRO J 79 6.88 4.14 13.22
CA PRO J 79 8.26 3.66 13.15
C PRO J 79 8.99 3.49 14.48
N TRP J 80 9.09 4.57 15.25
CA TRP J 80 9.76 4.51 16.55
C TRP J 80 9.18 3.42 17.46
N GLU J 81 7.85 3.37 17.56
CA GLU J 81 7.20 2.36 18.41
C GLU J 81 7.45 0.91 17.99
N GLN J 82 7.34 0.65 16.68
CA GLN J 82 7.57 -0.69 16.15
C GLN J 82 9.01 -1.09 16.38
N HIS J 83 9.89 -0.11 16.24
CA HIS J 83 11.32 -0.28 16.44
C HIS J 83 11.58 -0.59 17.91
N ALA J 84 10.92 0.16 18.80
CA ALA J 84 11.07 -0.03 20.23
C ALA J 84 10.34 -1.29 20.67
N LEU J 85 9.54 -1.84 19.76
CA LEU J 85 8.75 -3.03 20.03
C LEU J 85 9.48 -4.34 19.75
N TRP J 86 10.03 -4.50 18.55
CA TRP J 86 10.71 -5.74 18.19
C TRP J 86 12.23 -5.65 18.16
N LEU J 87 12.75 -4.51 17.72
CA LEU J 87 14.19 -4.31 17.67
C LEU J 87 14.58 -3.59 18.96
N SER J 88 13.88 -3.93 20.04
CA SER J 88 14.08 -3.35 21.36
C SER J 88 15.52 -3.31 21.87
N GLN J 89 16.30 -4.33 21.54
CA GLN J 89 17.70 -4.38 21.96
C GLN J 89 18.59 -3.50 21.09
N CYS J 90 17.97 -2.53 20.42
CA CYS J 90 18.70 -1.62 19.55
C CYS J 90 19.23 -0.40 20.30
N ARG J 91 20.53 -0.21 20.22
CA ARG J 91 21.24 0.90 20.86
C ARG J 91 20.68 2.26 20.40
N PHE J 92 20.24 2.32 19.15
CA PHE J 92 19.69 3.55 18.58
C PHE J 92 18.35 3.88 19.25
N VAL J 93 17.50 2.88 19.40
CA VAL J 93 16.20 3.10 20.02
C VAL J 93 16.41 3.46 21.49
N LYS J 94 17.44 2.87 22.09
CA LYS J 94 17.77 3.11 23.48
C LYS J 94 18.37 4.49 23.75
N LEU J 95 19.30 4.93 22.89
CA LEU J 95 19.92 6.23 23.08
C LEU J 95 19.07 7.39 22.58
N MET J 96 18.34 7.20 21.50
CA MET J 96 17.52 8.29 20.97
C MET J 96 16.20 8.48 21.71
N LYS J 97 15.56 7.38 22.06
CA LYS J 97 14.27 7.39 22.74
C LYS J 97 14.33 7.34 24.27
N GLY J 98 15.36 6.68 24.81
CA GLY J 98 15.47 6.56 26.26
C GLY J 98 14.74 5.27 26.62
N GLN J 99 15.15 4.60 27.69
CA GLN J 99 14.50 3.36 28.06
C GLN J 99 13.05 3.53 28.53
N LEU J 100 12.76 4.60 29.25
CA LEU J 100 11.39 4.82 29.72
C LEU J 100 10.42 4.65 28.56
N TYR J 101 10.74 5.28 27.44
CA TYR J 101 9.91 5.19 26.25
C TYR J 101 9.70 3.74 25.83
N ILE J 102 10.81 3.04 25.59
CA ILE J 102 10.77 1.66 25.14
C ILE J 102 9.87 0.78 26.00
N ASP J 103 9.92 0.96 27.31
CA ASP J 103 9.09 0.12 28.19
C ASP J 103 7.61 0.45 28.06
N THR J 104 7.28 1.74 28.02
CA THR J 104 5.89 2.16 27.89
C THR J 104 5.31 1.61 26.60
N VAL J 105 6.14 1.54 25.57
CA VAL J 105 5.72 1.01 24.28
C VAL J 105 5.28 -0.43 24.47
N ALA J 106 6.19 -1.22 25.03
CA ALA J 106 5.95 -2.64 25.26
C ALA J 106 4.66 -2.88 26.04
N ALA J 107 4.54 -2.20 27.19
CA ALA J 107 3.36 -2.36 28.04
C ALA J 107 2.20 -1.51 27.56
N LYS J 108 2.07 -1.37 26.25
CA LYS J 108 1.00 -0.58 25.64
C LYS J 108 -0.02 -1.44 24.85
N PRO J 109 -0.11 -2.75 25.15
CA PRO J 109 -1.04 -3.61 24.44
C PRO J 109 -1.95 -4.42 25.38
N VAL J 110 -1.30 -5.18 26.26
CA VAL J 110 -1.96 -6.03 27.25
C VAL J 110 -3.15 -5.42 28.01
N LEU J 111 -3.18 -4.09 28.12
CA LEU J 111 -4.27 -3.40 28.82
C LEU J 111 -5.62 -3.65 28.15
N ALA J 112 -5.62 -3.59 26.81
CA ALA J 112 -6.83 -3.81 26.04
C ALA J 112 -7.29 -5.25 26.16
N GLU J 113 -6.33 -6.16 26.29
CA GLU J 113 -6.68 -7.57 26.42
C GLU J 113 -7.06 -7.86 27.86
N GLU J 114 -6.65 -6.99 28.77
CA GLU J 114 -6.99 -7.14 30.17
C GLU J 114 -8.48 -6.80 30.30
N LYS J 115 -8.93 -5.82 29.53
CA LYS J 115 -10.34 -5.42 29.54
C LYS J 115 -11.19 -6.65 29.18
N GLU J 116 -10.55 -7.60 28.50
CA GLU J 116 -11.18 -8.85 28.08
C GLU J 116 -12.60 -8.67 27.57
N ARG K 2 9.99 26.61 -32.47
CA ARG K 2 8.62 26.38 -32.90
C ARG K 2 7.77 27.50 -32.32
N PRO K 3 6.44 27.37 -32.40
CA PRO K 3 5.66 28.46 -31.82
C PRO K 3 6.13 28.68 -30.39
N PRO K 4 6.79 29.83 -30.14
CA PRO K 4 7.26 30.11 -28.78
C PRO K 4 6.17 29.88 -27.77
N PHE K 5 6.54 29.38 -26.59
CA PHE K 5 5.56 29.14 -25.54
C PHE K 5 4.77 30.39 -25.18
N ILE K 6 3.47 30.24 -25.08
CA ILE K 6 2.60 31.36 -24.70
C ILE K 6 2.47 31.29 -23.19
N SER K 7 2.71 32.42 -22.53
CA SER K 7 2.61 32.51 -21.08
C SER K 7 1.16 32.77 -20.69
N LEU K 8 0.57 31.82 -19.98
CA LEU K 8 -0.82 31.92 -19.57
C LEU K 8 -1.10 32.95 -18.48
N ASN K 9 -0.10 33.19 -17.62
CA ASN K 9 -0.26 34.12 -16.51
C ASN K 9 0.94 35.06 -16.30
N ARG L 2 23.16 35.62 -24.58
CA ARG L 2 24.19 36.00 -23.62
C ARG L 2 23.66 35.70 -22.22
N PRO L 3 24.21 36.34 -21.17
CA PRO L 3 23.51 35.89 -19.96
C PRO L 3 22.01 36.14 -20.13
N PRO L 4 21.15 35.12 -19.82
CA PRO L 4 19.70 35.30 -19.97
C PRO L 4 19.19 36.36 -19.02
N PHE L 5 18.18 37.11 -19.46
CA PHE L 5 17.64 38.11 -18.57
C PHE L 5 17.19 37.42 -17.31
N ILE L 6 17.24 38.12 -16.20
CA ILE L 6 16.79 37.52 -14.96
C ILE L 6 15.40 38.06 -14.66
N SER L 7 14.43 37.15 -14.58
CA SER L 7 13.08 37.54 -14.26
C SER L 7 13.13 37.91 -12.78
N LEU L 8 12.96 39.19 -12.47
CA LEU L 8 13.02 39.66 -11.08
C LEU L 8 11.80 39.22 -10.26
N ASN L 9 10.63 39.26 -10.89
CA ASN L 9 9.39 38.88 -10.21
C ASN L 9 8.60 37.90 -11.08
N PRO M 3 0.72 56.24 -39.59
CA PRO M 3 -0.03 56.66 -38.41
C PRO M 3 0.77 56.53 -37.11
N PRO M 4 1.15 57.66 -36.50
CA PRO M 4 1.92 57.72 -35.24
C PRO M 4 1.14 57.23 -34.02
N PHE M 5 1.83 56.58 -33.10
CA PHE M 5 1.20 56.07 -31.89
C PHE M 5 0.55 57.17 -31.08
N ILE M 6 -0.75 57.05 -30.84
CA ILE M 6 -1.43 58.04 -30.04
C ILE M 6 -1.11 57.72 -28.59
N SER M 7 -0.22 58.50 -27.99
CA SER M 7 0.14 58.29 -26.60
C SER M 7 -1.16 58.36 -25.80
N LEU M 8 -1.42 57.34 -24.99
CA LEU M 8 -2.63 57.33 -24.17
C LEU M 8 -2.48 58.21 -22.96
N ASN M 9 -1.29 58.80 -22.81
CA ASN M 9 -0.97 59.67 -21.69
C ASN M 9 0.41 60.29 -21.85
N ARG N 2 23.84 10.14 -9.32
CA ARG N 2 24.15 11.21 -8.34
C ARG N 2 22.98 11.19 -7.40
N PRO N 3 23.20 11.20 -6.07
CA PRO N 3 22.23 11.20 -4.97
C PRO N 3 20.84 11.48 -5.48
N PRO N 4 20.14 10.41 -6.00
CA PRO N 4 18.78 10.44 -6.57
C PRO N 4 18.00 11.53 -5.89
N PHE N 5 17.20 12.27 -6.66
CA PHE N 5 16.41 13.33 -6.07
C PHE N 5 15.59 12.77 -4.94
N ILE N 6 15.60 13.45 -3.80
CA ILE N 6 14.82 13.04 -2.65
C ILE N 6 13.49 13.74 -2.84
N SER N 7 12.41 12.98 -2.85
CA SER N 7 11.09 13.58 -3.00
C SER N 7 10.73 14.18 -1.64
N LEU N 8 10.41 15.47 -1.62
CA LEU N 8 10.04 16.14 -0.37
C LEU N 8 8.64 15.77 0.06
N ASN N 9 7.74 15.63 -0.91
CA ASN N 9 6.35 15.27 -0.66
C ASN N 9 5.87 14.25 -1.68
N ARG O 2 7.00 -25.64 -4.23
CA ARG O 2 7.24 -26.85 -4.96
C ARG O 2 7.08 -26.77 -6.48
N PRO O 3 6.23 -25.86 -7.03
CA PRO O 3 5.24 -24.76 -7.10
C PRO O 3 4.73 -24.03 -5.86
N PRO O 4 4.60 -22.68 -5.94
CA PRO O 4 4.15 -21.71 -4.94
C PRO O 4 2.69 -21.98 -4.58
N PHE O 5 2.41 -22.07 -3.28
CA PHE O 5 1.05 -22.28 -2.84
C PHE O 5 0.28 -21.06 -3.28
N ILE O 6 -1.00 -21.25 -3.55
CA ILE O 6 -1.86 -20.17 -3.97
C ILE O 6 -2.63 -19.78 -2.71
N SER O 7 -2.60 -18.50 -2.36
CA SER O 7 -3.33 -18.00 -1.21
C SER O 7 -4.77 -17.76 -1.64
N LEU O 8 -5.70 -18.55 -1.11
CA LEU O 8 -7.10 -18.41 -1.47
C LEU O 8 -7.71 -17.12 -0.95
N ASN O 9 -7.15 -16.59 0.13
CA ASN O 9 -7.64 -15.36 0.72
C ASN O 9 -6.55 -14.55 1.42
N ARG P 2 2.06 -48.65 11.99
CA ARG P 2 0.84 -49.09 11.32
C ARG P 2 0.03 -47.91 10.92
N PRO P 3 -0.96 -48.11 10.04
CA PRO P 3 -1.75 -46.95 9.65
C PRO P 3 -2.46 -46.23 10.82
N PRO P 4 -2.20 -44.91 10.99
CA PRO P 4 -2.79 -44.08 12.04
C PRO P 4 -4.31 -44.10 11.98
N PHE P 5 -4.95 -43.82 13.11
CA PHE P 5 -6.40 -43.81 13.14
C PHE P 5 -6.94 -42.60 12.41
N ILE P 6 -7.97 -42.86 11.62
CA ILE P 6 -8.63 -41.81 10.87
C ILE P 6 -9.81 -41.32 11.72
N SER P 7 -9.91 -40.01 11.90
CA SER P 7 -11.01 -39.43 12.67
C SER P 7 -12.23 -39.30 11.78
N LEU P 8 -13.32 -39.95 12.18
CA LEU P 8 -14.56 -39.88 11.41
C LEU P 8 -15.20 -38.51 11.48
N ASN P 9 -15.01 -37.81 12.60
CA ASN P 9 -15.60 -36.49 12.78
C ASN P 9 -14.82 -35.64 13.78
N PRO Q 3 -9.72 -53.13 43.14
CA PRO Q 3 -10.90 -52.29 43.30
C PRO Q 3 -11.74 -52.16 42.02
N PRO Q 4 -12.91 -52.84 41.98
CA PRO Q 4 -13.83 -52.84 40.85
C PRO Q 4 -14.37 -51.48 40.40
N PHE Q 5 -14.95 -51.46 39.21
CA PHE Q 5 -15.56 -50.27 38.64
C PHE Q 5 -17.03 -50.26 38.97
N ILE Q 6 -17.57 -49.08 39.19
CA ILE Q 6 -18.99 -48.94 39.47
C ILE Q 6 -19.60 -48.56 38.12
N SER Q 7 -20.60 -49.31 37.71
CA SER Q 7 -21.26 -49.01 36.44
C SER Q 7 -22.25 -47.90 36.67
N LEU Q 8 -21.86 -46.67 36.36
CA LEU Q 8 -22.75 -45.53 36.55
C LEU Q 8 -24.15 -45.89 36.07
N ASN Q 9 -24.23 -46.46 34.88
CA ASN Q 9 -25.51 -46.86 34.30
C ASN Q 9 -25.35 -48.12 33.45
N PRO R 3 5.84 -33.16 24.20
CA PRO R 3 5.43 -34.23 25.12
C PRO R 3 4.46 -33.81 26.22
N PRO R 4 3.13 -33.89 25.95
CA PRO R 4 2.39 -34.28 24.76
C PRO R 4 1.35 -33.19 24.48
N PHE R 5 0.58 -33.31 23.41
CA PHE R 5 -0.42 -32.28 23.10
C PHE R 5 -1.76 -32.47 23.79
N ILE R 6 -2.42 -31.34 24.01
CA ILE R 6 -3.74 -31.31 24.66
C ILE R 6 -4.76 -30.74 23.69
N SER R 7 -5.86 -31.46 23.52
CA SER R 7 -6.95 -31.04 22.65
C SER R 7 -7.84 -30.13 23.49
N LEU R 8 -7.93 -28.86 23.08
CA LEU R 8 -8.74 -27.90 23.78
C LEU R 8 -10.22 -28.21 23.64
N ASN R 9 -10.55 -28.89 22.55
CA ASN R 9 -11.93 -29.23 22.26
C ASN R 9 -12.00 -30.53 21.46
N PRO S 3 13.49 1.56 -18.48
CA PRO S 3 12.05 1.27 -18.47
C PRO S 3 11.29 2.02 -17.36
N PRO S 4 10.69 3.16 -17.72
CA PRO S 4 9.91 4.00 -16.79
C PRO S 4 8.57 3.40 -16.36
N PHE S 5 7.92 4.08 -15.43
CA PHE S 5 6.61 3.67 -14.92
C PHE S 5 5.54 4.71 -15.17
N ILE S 6 4.49 4.29 -15.85
CA ILE S 6 3.37 5.17 -16.18
C ILE S 6 2.43 5.24 -14.99
N SER S 7 2.79 6.04 -13.98
CA SER S 7 1.97 6.20 -12.79
C SER S 7 0.48 6.18 -13.15
N LEU S 8 -0.35 5.68 -12.23
CA LEU S 8 -1.78 5.60 -12.45
C LEU S 8 -2.44 6.83 -11.86
N ASN S 9 -2.10 7.13 -10.62
CA ASN S 9 -2.63 8.31 -9.97
C ASN S 9 -1.72 9.45 -10.36
N PRO T 3 16.95 -10.51 10.78
CA PRO T 3 16.35 -11.25 9.66
C PRO T 3 15.53 -12.45 10.13
N PRO T 4 14.29 -12.60 9.64
CA PRO T 4 13.58 -11.74 8.68
C PRO T 4 12.56 -10.82 9.34
N PHE T 5 11.71 -10.23 8.52
CA PHE T 5 10.65 -9.33 8.97
C PHE T 5 9.43 -10.23 9.17
N ILE T 6 8.58 -9.91 10.15
CA ILE T 6 7.39 -10.73 10.38
C ILE T 6 6.11 -10.00 9.95
N SER T 7 5.26 -10.71 9.22
CA SER T 7 3.99 -10.17 8.73
C SER T 7 3.07 -9.68 9.84
N LEU T 8 2.83 -8.37 9.88
CA LEU T 8 1.97 -7.82 10.93
C LEU T 8 0.51 -8.23 10.78
N ASN T 9 -0.31 -7.41 10.12
CA ASN T 9 -1.73 -7.76 9.94
C ASN T 9 -1.99 -8.63 8.73
#